data_5T8O
#
_entry.id   5T8O
#
_cell.length_a   143.950
_cell.length_b   143.950
_cell.length_c   45.470
_cell.angle_alpha   90.00
_cell.angle_beta   90.00
_cell.angle_gamma   90.00
#
_symmetry.space_group_name_H-M   'P 43'
#
loop_
_entity.id
_entity.type
_entity.pdbx_description
1 polymer 'Mitogen-activated protein kinase kinase kinase 14'
2 non-polymer 'SULFATE ION'
3 non-polymer 10-(3-methyl-3-oxidanyl-but-1-ynyl)-5,6-dihydroimidazo[1,2-d][1,4]benzoxazepine-2-carboxamide
4 water water
#
_entity_poly.entity_id   1
_entity_poly.type   'polypeptide(L)'
_entity_poly.pdbx_seq_one_letter_code
;GSALEKVPVEEYLVHALQGSVSSGQAHSLASLAKTWSSGSAKLQRLGPETEDNEGVLLTEKLKPVDYEYREEVHWMTHQP
RVGRGSFGEVHRMKDKQTGFQCAVKKVRLEVFRVEELVACAGLSSPRIVPLYGAVREGPWVNIFMELLEGGSLGQLIKQM
GCLPEDRALYYLGQALEGLEYLHTRRILHGDVKADNVLLSSDGSRAALCDFGHALCLQPDGLGKSLLTGDYIPGTETHMA
PEVVMGKPCDAKVDIWSSCCMMLHMLNGCHPWTQYFRGPLCLKIASEPPPIREIPPSCAPLTAQAIQEGLRKEPVHRASA
MELRRKVGKALQEVGGLKSPWKGEYKEPR
;
_entity_poly.pdbx_strand_id   A,B
#
loop_
_chem_comp.id
_chem_comp.type
_chem_comp.name
_chem_comp.formula
76Z non-polymer 10-(3-methyl-3-oxidanyl-but-1-ynyl)-5,6-dihydroimidazo[1,2-d][1,4]benzoxazepine-2-carboxamide 'C17 H17 N3 O3'
SO4 non-polymer 'SULFATE ION' 'O4 S -2'
#
# COMPACT_ATOMS: atom_id res chain seq x y z
N PRO A 8 2.19 -14.21 -17.88
CA PRO A 8 2.85 -12.91 -18.13
C PRO A 8 2.36 -11.75 -17.26
N VAL A 9 1.69 -12.06 -16.14
CA VAL A 9 0.76 -11.11 -15.48
C VAL A 9 1.43 -9.96 -14.71
N GLU A 10 2.63 -10.18 -14.19
CA GLU A 10 3.36 -9.15 -13.44
C GLU A 10 3.50 -7.89 -14.28
N GLU A 11 3.89 -8.08 -15.54
CA GLU A 11 4.01 -7.03 -16.55
C GLU A 11 2.76 -6.15 -16.63
N TYR A 12 1.60 -6.80 -16.69
CA TYR A 12 0.31 -6.10 -16.80
C TYR A 12 -0.11 -5.42 -15.49
N LEU A 13 0.25 -6.01 -14.35
CA LEU A 13 0.00 -5.38 -13.05
C LEU A 13 0.78 -4.08 -12.88
N VAL A 14 2.02 -4.09 -13.35
CA VAL A 14 2.88 -2.91 -13.29
C VAL A 14 2.37 -1.78 -14.19
N HIS A 15 2.00 -2.10 -15.45
CA HIS A 15 1.51 -1.11 -16.40
CA HIS A 15 1.51 -1.09 -16.39
C HIS A 15 0.24 -0.41 -15.90
N ALA A 16 -0.60 -1.12 -15.14
CA ALA A 16 -1.82 -0.52 -14.56
C ALA A 16 -1.53 0.52 -13.48
N LEU A 17 -0.41 0.36 -12.79
CA LEU A 17 0.04 1.30 -11.76
C LEU A 17 0.75 2.54 -12.33
N GLN A 18 1.38 2.40 -13.50
CA GLN A 18 2.14 3.49 -14.13
C GLN A 18 1.25 4.60 -14.65
N GLY A 19 1.74 5.84 -14.50
CA GLY A 19 0.97 7.04 -14.83
C GLY A 19 -0.11 7.47 -13.86
N SER A 20 -0.18 6.87 -12.67
CA SER A 20 -1.17 7.27 -11.66
C SER A 20 -0.64 7.14 -10.24
N VAL A 21 -1.15 8.00 -9.36
CA VAL A 21 -1.05 7.76 -7.93
C VAL A 21 -2.35 7.11 -7.48
N SER A 22 -2.24 5.99 -6.78
CA SER A 22 -3.41 5.29 -6.26
C SER A 22 -3.25 4.92 -4.79
N SER A 23 -4.39 4.67 -4.17
CA SER A 23 -4.44 4.03 -2.86
C SER A 23 -4.26 2.55 -3.11
N GLY A 24 -3.37 1.93 -2.38
CA GLY A 24 -3.04 0.54 -2.63
C GLY A 24 -2.18 -0.05 -1.56
N GLN A 25 -1.59 -1.19 -1.87
CA GLN A 25 -0.87 -1.95 -0.89
C GLN A 25 0.61 -1.93 -1.19
N ALA A 26 1.39 -2.15 -0.14
CA ALA A 26 2.84 -2.14 -0.18
C ALA A 26 3.41 -2.96 -1.34
N HIS A 27 2.85 -4.14 -1.61
CA HIS A 27 3.36 -5.00 -2.69
C HIS A 27 3.19 -4.37 -4.09
N SER A 28 2.11 -3.60 -4.29
CA SER A 28 1.92 -2.87 -5.54
C SER A 28 2.95 -1.75 -5.66
N LEU A 29 3.25 -1.11 -4.53
CA LEU A 29 4.27 -0.05 -4.50
C LEU A 29 5.63 -0.59 -4.91
N ALA A 30 6.03 -1.72 -4.33
CA ALA A 30 7.33 -2.33 -4.57
C ALA A 30 7.48 -2.76 -6.03
N SER A 31 6.39 -3.28 -6.61
CA SER A 31 6.34 -3.55 -8.07
C SER A 31 6.61 -2.30 -8.92
N LEU A 32 5.94 -1.20 -8.58
CA LEU A 32 6.09 0.08 -9.30
C LEU A 32 7.48 0.69 -9.15
N ALA A 33 7.98 0.70 -7.91
CA ALA A 33 9.26 1.35 -7.59
C ALA A 33 10.45 0.74 -8.28
N LYS A 34 10.32 -0.53 -8.66
CA LYS A 34 11.35 -1.22 -9.41
C LYS A 34 11.57 -0.62 -10.80
N THR A 35 10.54 -0.01 -11.39
CA THR A 35 10.72 0.73 -12.64
C THR A 35 11.42 2.09 -12.43
N TRP A 36 11.40 2.62 -11.21
CA TRP A 36 12.15 3.83 -10.87
C TRP A 36 13.65 3.64 -10.66
N SER A 37 14.10 2.40 -10.45
CA SER A 37 15.41 2.12 -9.85
C SER A 37 16.54 1.93 -10.89
N ASP A 52 4.28 11.98 -15.64
CA ASP A 52 5.39 11.71 -14.75
C ASP A 52 4.92 11.41 -13.31
N ASN A 53 3.83 12.03 -12.85
CA ASN A 53 3.35 11.86 -11.49
C ASN A 53 2.72 10.48 -11.27
N GLU A 54 3.35 9.66 -10.42
CA GLU A 54 2.88 8.29 -10.20
C GLU A 54 3.41 7.71 -8.87
N GLY A 55 2.66 6.77 -8.30
CA GLY A 55 3.01 6.22 -6.99
C GLY A 55 1.91 5.42 -6.36
N VAL A 56 2.19 4.86 -5.18
CA VAL A 56 1.19 4.18 -4.38
C VAL A 56 1.23 4.74 -2.95
N LEU A 57 0.05 5.07 -2.43
CA LEU A 57 -0.12 5.53 -1.05
C LEU A 57 -0.82 4.42 -0.24
N LEU A 58 -0.27 4.13 0.94
CA LEU A 58 -0.60 2.94 1.73
C LEU A 58 -1.56 3.16 2.89
N THR A 59 -1.93 4.41 3.16
CA THR A 59 -2.82 4.75 4.27
C THR A 59 -3.84 5.77 3.77
N GLU A 60 -5.03 5.74 4.37
CA GLU A 60 -6.11 6.67 4.00
C GLU A 60 -5.86 8.11 4.53
N LYS A 61 -4.82 8.29 5.35
CA LYS A 61 -4.32 9.62 5.74
C LYS A 61 -3.79 10.46 4.57
N LEU A 62 -3.16 9.81 3.58
CA LEU A 62 -2.69 10.48 2.37
C LEU A 62 -3.51 9.97 1.20
N LYS A 63 -4.16 10.87 0.47
CA LYS A 63 -5.07 10.47 -0.61
C LYS A 63 -4.78 11.18 -1.93
N PRO A 64 -4.76 10.44 -3.05
CA PRO A 64 -4.62 11.08 -4.36
C PRO A 64 -5.88 11.84 -4.74
N VAL A 65 -5.73 12.77 -5.67
CA VAL A 65 -6.84 13.57 -6.20
C VAL A 65 -6.75 13.51 -7.72
N ASP A 66 -7.73 12.86 -8.35
CA ASP A 66 -7.76 12.63 -9.80
C ASP A 66 -6.43 12.10 -10.37
N TYR A 67 -6.01 10.96 -9.83
CA TYR A 67 -4.85 10.19 -10.30
C TYR A 67 -3.51 10.86 -10.01
N GLU A 68 -3.49 11.93 -9.18
CA GLU A 68 -2.30 12.73 -8.91
C GLU A 68 -2.02 12.94 -7.41
N TYR A 69 -0.76 13.18 -7.10
CA TYR A 69 -0.34 13.61 -5.75
C TYR A 69 0.95 14.42 -5.91
N ARG A 70 0.82 15.74 -5.84
CA ARG A 70 1.82 16.70 -6.33
C ARG A 70 2.20 17.62 -5.18
N GLU A 71 3.49 17.92 -5.07
CA GLU A 71 3.99 18.84 -4.06
C GLU A 71 3.40 20.24 -4.21
N GLU A 72 3.01 20.82 -3.07
CA GLU A 72 2.39 22.15 -2.98
C GLU A 72 0.99 22.29 -3.62
N VAL A 73 0.42 21.18 -4.08
CA VAL A 73 -0.94 21.13 -4.62
C VAL A 73 -1.81 20.24 -3.74
N HIS A 74 -1.37 19.01 -3.54
CA HIS A 74 -2.11 18.01 -2.73
C HIS A 74 -1.49 17.77 -1.34
N TRP A 75 -0.17 17.95 -1.22
CA TRP A 75 0.51 17.96 0.07
C TRP A 75 1.48 19.13 0.17
N MET A 76 1.64 19.65 1.38
CA MET A 76 2.35 20.90 1.66
C MET A 76 3.40 20.62 2.74
N THR A 77 4.64 21.06 2.52
CA THR A 77 5.64 21.01 3.58
C THR A 77 5.35 22.11 4.60
N HIS A 78 5.71 21.84 5.85
CA HIS A 78 5.40 22.70 6.98
C HIS A 78 6.35 23.91 6.98
N GLN A 79 5.79 25.13 7.02
CA GLN A 79 6.59 26.36 6.95
C GLN A 79 6.78 27.00 8.34
N PRO A 80 7.98 27.53 8.66
CA PRO A 80 9.16 27.54 7.77
C PRO A 80 9.84 26.17 7.61
N ARG A 81 10.34 25.91 6.39
CA ARG A 81 10.91 24.62 5.99
C ARG A 81 12.20 24.30 6.79
N VAL A 82 12.11 23.33 7.70
CA VAL A 82 13.12 23.18 8.75
C VAL A 82 14.38 22.42 8.27
N GLY A 83 14.17 21.22 7.73
CA GLY A 83 15.24 20.40 7.13
C GLY A 83 15.94 19.45 8.09
N ARG A 84 15.69 18.14 7.90
CA ARG A 84 16.34 17.10 8.70
C ARG A 84 16.91 16.00 7.81
N GLY A 85 17.76 15.19 8.41
CA GLY A 85 18.53 14.16 7.72
C GLY A 85 19.91 14.68 7.39
N SER A 86 20.75 13.80 6.84
CA SER A 86 22.13 14.12 6.50
C SER A 86 22.27 15.16 5.39
N PHE A 87 21.30 15.16 4.48
CA PHE A 87 21.26 16.11 3.37
C PHE A 87 20.11 17.12 3.52
N GLY A 88 19.52 17.22 4.71
CA GLY A 88 18.35 18.07 4.96
C GLY A 88 17.21 17.73 4.03
N GLU A 89 17.02 16.43 3.78
CA GLU A 89 16.15 15.90 2.75
C GLU A 89 14.85 15.33 3.31
N VAL A 90 14.63 15.52 4.61
CA VAL A 90 13.45 14.99 5.26
C VAL A 90 12.76 16.18 5.87
N HIS A 91 11.46 16.28 5.62
CA HIS A 91 10.66 17.40 6.08
C HIS A 91 9.36 16.89 6.69
N ARG A 92 8.76 17.74 7.51
CA ARG A 92 7.42 17.56 7.96
C ARG A 92 6.51 18.04 6.82
N MET A 93 5.37 17.37 6.64
CA MET A 93 4.39 17.74 5.62
C MET A 93 2.96 17.42 6.04
N LYS A 94 2.01 18.01 5.30
CA LYS A 94 0.58 17.87 5.56
C LYS A 94 -0.14 17.62 4.23
N ASP A 95 -0.99 16.60 4.22
CA ASP A 95 -1.94 16.36 3.13
C ASP A 95 -3.06 17.41 3.24
N LYS A 96 -3.24 18.19 2.18
CA LYS A 96 -4.15 19.35 2.17
C LYS A 96 -5.61 18.95 2.37
N GLN A 97 -6.02 17.84 1.77
CA GLN A 97 -7.39 17.33 1.90
C GLN A 97 -7.73 16.77 3.31
N THR A 98 -6.87 15.91 3.83
CA THR A 98 -7.17 15.15 5.04
C THR A 98 -6.72 15.85 6.32
N GLY A 99 -5.64 16.61 6.24
CA GLY A 99 -5.07 17.30 7.39
C GLY A 99 -4.05 16.48 8.17
N PHE A 100 -3.79 15.24 7.75
CA PHE A 100 -2.86 14.39 8.47
C PHE A 100 -1.42 14.80 8.13
N GLN A 101 -0.57 14.74 9.15
CA GLN A 101 0.80 15.15 9.04
C GLN A 101 1.68 13.93 9.04
N CYS A 102 2.75 14.01 8.28
CA CYS A 102 3.70 12.93 8.22
C CYS A 102 5.07 13.48 7.78
N ALA A 103 6.05 12.60 7.65
CA ALA A 103 7.38 12.98 7.24
C ALA A 103 7.58 12.56 5.80
N VAL A 104 8.37 13.33 5.07
CA VAL A 104 8.66 12.98 3.69
C VAL A 104 10.14 13.01 3.47
N LYS A 105 10.66 11.96 2.86
CA LYS A 105 12.06 11.92 2.45
C LYS A 105 12.14 12.09 0.93
N LYS A 106 12.93 13.07 0.47
CA LYS A 106 13.27 13.22 -0.94
C LYS A 106 14.46 12.38 -1.33
N VAL A 107 14.30 11.59 -2.38
CA VAL A 107 15.42 10.90 -3.02
C VAL A 107 15.41 11.33 -4.48
N ARG A 108 16.59 11.67 -5.00
CA ARG A 108 16.75 12.03 -6.39
C ARG A 108 16.43 10.80 -7.22
N LEU A 109 15.53 10.96 -8.19
CA LEU A 109 15.10 9.85 -9.04
C LEU A 109 16.29 9.10 -9.67
N GLU A 110 17.31 9.85 -10.10
CA GLU A 110 18.44 9.27 -10.85
C GLU A 110 19.32 8.29 -10.04
N VAL A 111 19.28 8.39 -8.70
CA VAL A 111 20.00 7.46 -7.80
C VAL A 111 19.06 6.67 -6.86
N PHE A 112 17.77 6.64 -7.15
CA PHE A 112 16.80 5.91 -6.32
C PHE A 112 17.07 4.42 -6.39
N ARG A 113 17.12 3.78 -5.23
CA ARG A 113 17.31 2.33 -5.12
C ARG A 113 16.04 1.69 -4.55
N VAL A 114 15.47 0.70 -5.25
CA VAL A 114 14.19 0.10 -4.82
C VAL A 114 14.32 -0.57 -3.45
N GLU A 115 15.51 -1.12 -3.17
CA GLU A 115 15.85 -1.71 -1.87
C GLU A 115 15.43 -0.84 -0.69
N GLU A 116 15.54 0.48 -0.82
CA GLU A 116 15.10 1.40 0.23
C GLU A 116 13.62 1.18 0.58
N LEU A 117 12.78 0.93 -0.41
CA LEU A 117 11.37 0.65 -0.13
C LEU A 117 11.13 -0.77 0.33
N VAL A 118 11.84 -1.74 -0.28
CA VAL A 118 11.71 -3.15 0.06
C VAL A 118 12.09 -3.41 1.53
N ALA A 119 13.05 -2.65 2.04
CA ALA A 119 13.43 -2.71 3.48
C ALA A 119 12.31 -2.30 4.45
N CYS A 120 11.36 -1.45 4.01
CA CYS A 120 10.31 -0.95 4.89
C CYS A 120 8.86 -1.10 4.38
N ALA A 121 8.65 -1.75 3.22
CA ALA A 121 7.34 -1.87 2.60
C ALA A 121 6.70 -3.21 2.89
N GLY A 122 5.52 -3.19 3.52
CA GLY A 122 4.86 -4.40 4.03
C GLY A 122 5.48 -4.90 5.33
N LEU A 123 6.49 -4.21 5.83
CA LEU A 123 7.23 -4.62 7.02
C LEU A 123 6.56 -4.02 8.23
N SER A 124 5.56 -4.75 8.76
CA SER A 124 4.89 -4.36 9.98
C SER A 124 5.67 -4.89 11.17
N SER A 125 6.74 -4.17 11.52
CA SER A 125 7.54 -4.44 12.72
C SER A 125 7.71 -3.12 13.46
N PRO A 126 7.65 -3.14 14.81
CA PRO A 126 7.74 -1.88 15.57
C PRO A 126 9.11 -1.21 15.57
N ARG A 127 10.16 -1.97 15.20
CA ARG A 127 11.52 -1.43 15.08
C ARG A 127 11.88 -0.93 13.69
N ILE A 128 10.89 -0.87 12.78
CA ILE A 128 11.07 -0.35 11.43
C ILE A 128 10.06 0.79 11.27
N VAL A 129 10.56 1.96 10.88
CA VAL A 129 9.71 3.14 10.71
C VAL A 129 8.56 2.79 9.76
N PRO A 130 7.31 3.12 10.14
CA PRO A 130 6.20 2.76 9.25
C PRO A 130 6.21 3.56 7.93
N LEU A 131 6.06 2.85 6.82
CA LEU A 131 6.00 3.43 5.47
C LEU A 131 4.56 3.72 5.08
N TYR A 132 4.30 4.95 4.69
CA TYR A 132 2.96 5.41 4.28
C TYR A 132 2.77 5.50 2.75
N GLY A 133 3.87 5.51 2.00
CA GLY A 133 3.80 5.43 0.56
C GLY A 133 4.97 6.10 -0.13
N ALA A 134 4.94 6.08 -1.46
CA ALA A 134 5.96 6.73 -2.26
C ALA A 134 5.36 7.23 -3.58
N VAL A 135 5.77 8.42 -3.99
CA VAL A 135 5.30 9.04 -5.22
C VAL A 135 6.48 9.68 -5.95
N ARG A 136 6.58 9.36 -7.23
CA ARG A 136 7.50 10.00 -8.14
C ARG A 136 6.84 11.25 -8.67
N GLU A 137 7.56 12.37 -8.61
CA GLU A 137 7.18 13.64 -9.24
C GLU A 137 8.40 14.33 -9.85
N GLY A 138 8.46 14.32 -11.17
CA GLY A 138 9.58 14.90 -11.93
C GLY A 138 10.88 14.21 -11.55
N PRO A 139 11.88 14.97 -11.10
CA PRO A 139 13.16 14.41 -10.66
C PRO A 139 13.23 13.88 -9.23
N TRP A 140 12.13 13.90 -8.46
CA TRP A 140 12.09 13.40 -7.07
C TRP A 140 11.32 12.08 -6.90
N VAL A 141 11.80 11.25 -5.96
CA VAL A 141 10.98 10.23 -5.33
C VAL A 141 10.71 10.71 -3.90
N ASN A 142 9.46 11.02 -3.59
CA ASN A 142 9.03 11.44 -2.25
C ASN A 142 8.49 10.23 -1.49
N ILE A 143 9.13 9.90 -0.37
CA ILE A 143 8.83 8.70 0.40
C ILE A 143 8.18 9.14 1.72
N PHE A 144 6.93 8.71 1.93
CA PHE A 144 6.12 9.20 3.06
C PHE A 144 6.17 8.18 4.17
N MET A 145 6.29 8.64 5.41
CA MET A 145 6.36 7.74 6.55
C MET A 145 5.83 8.38 7.81
N GLU A 146 5.58 7.55 8.81
CA GLU A 146 5.06 8.03 10.09
C GLU A 146 6.06 8.96 10.77
N LEU A 147 5.50 9.95 11.43
CA LEU A 147 6.23 11.00 12.11
C LEU A 147 6.58 10.53 13.53
N LEU A 148 7.86 10.26 13.77
CA LEU A 148 8.39 9.99 15.12
C LEU A 148 8.97 11.29 15.74
N GLU A 149 8.40 11.73 16.86
CA GLU A 149 8.63 13.08 17.40
C GLU A 149 9.79 13.19 18.40
N GLY A 150 10.44 12.08 18.71
CA GLY A 150 11.53 12.07 19.67
C GLY A 150 12.86 12.54 19.12
N GLY A 151 12.93 12.70 17.79
CA GLY A 151 14.20 12.99 17.12
C GLY A 151 14.98 11.70 16.96
N SER A 152 16.18 11.82 16.39
CA SER A 152 17.01 10.66 16.15
C SER A 152 17.81 10.34 17.41
N LEU A 153 18.30 9.11 17.47
CA LEU A 153 19.28 8.73 18.51
C LEU A 153 20.56 9.58 18.42
N GLY A 154 20.96 9.98 17.22
CA GLY A 154 22.13 10.82 17.03
C GLY A 154 21.95 12.18 17.67
N GLN A 155 20.83 12.83 17.39
CA GLN A 155 20.46 14.07 18.07
C GLN A 155 20.44 13.96 19.58
N LEU A 156 19.94 12.83 20.10
CA LEU A 156 19.90 12.57 21.52
C LEU A 156 21.30 12.56 22.10
N ILE A 157 22.25 11.96 21.38
CA ILE A 157 23.63 11.88 21.86
C ILE A 157 24.26 13.28 21.93
N LYS A 158 24.08 14.10 20.89
CA LYS A 158 24.55 15.50 20.91
C LYS A 158 24.01 16.29 22.13
N GLN A 159 22.73 16.12 22.42
CA GLN A 159 22.03 16.89 23.46
C GLN A 159 22.44 16.49 24.89
N MET A 160 22.70 15.21 25.10
CA MET A 160 23.09 14.65 26.40
C MET A 160 24.61 14.48 26.57
N GLY A 161 25.37 14.60 25.49
CA GLY A 161 26.81 14.33 25.50
C GLY A 161 27.06 12.85 25.28
N CYS A 162 26.72 12.04 26.28
CA CYS A 162 26.62 10.60 26.09
C CYS A 162 25.52 10.00 26.92
N LEU A 163 25.15 8.77 26.60
CA LEU A 163 24.05 8.08 27.24
C LEU A 163 24.57 7.20 28.36
N PRO A 164 23.78 7.04 29.44
CA PRO A 164 24.15 6.03 30.43
C PRO A 164 23.98 4.60 29.86
N GLU A 165 24.66 3.68 30.50
CA GLU A 165 24.81 2.31 30.03
C GLU A 165 23.48 1.56 29.87
N ASP A 166 22.53 1.77 30.79
CA ASP A 166 21.22 1.10 30.72
C ASP A 166 20.44 1.55 29.49
N ARG A 167 20.40 2.86 29.26
CA ARG A 167 19.78 3.45 28.06
C ARG A 167 20.51 3.00 26.76
N ALA A 168 21.83 2.95 26.80
CA ALA A 168 22.61 2.49 25.64
C ALA A 168 22.32 1.02 25.32
N LEU A 169 22.27 0.18 26.36
CA LEU A 169 21.86 -1.22 26.17
C LEU A 169 20.40 -1.32 25.69
N TYR A 170 19.53 -0.45 26.18
CA TYR A 170 18.11 -0.48 25.83
C TYR A 170 17.86 -0.20 24.35
N TYR A 171 18.50 0.84 23.83
CA TYR A 171 18.34 1.22 22.43
C TYR A 171 19.08 0.32 21.45
N LEU A 172 20.24 -0.19 21.83
CA LEU A 172 20.98 -1.16 21.00
C LEU A 172 20.15 -2.44 20.84
N GLY A 173 19.48 -2.86 21.91
CA GLY A 173 18.61 -4.03 21.89
C GLY A 173 17.52 -3.84 20.88
N GLN A 174 16.82 -2.71 21.00
CA GLN A 174 15.75 -2.37 20.07
C GLN A 174 16.23 -2.34 18.63
N ALA A 175 17.40 -1.77 18.38
CA ALA A 175 17.98 -1.72 17.03
C ALA A 175 18.24 -3.12 16.51
N LEU A 176 18.79 -3.96 17.38
CA LEU A 176 19.06 -5.35 17.02
C LEU A 176 17.76 -6.13 16.77
N GLU A 177 16.65 -5.77 17.41
CA GLU A 177 15.37 -6.41 17.11
C GLU A 177 14.92 -6.11 15.68
N GLY A 178 15.15 -4.88 15.23
CA GLY A 178 14.89 -4.52 13.84
C GLY A 178 15.82 -5.22 12.86
N LEU A 179 17.11 -5.34 13.21
CA LEU A 179 18.06 -6.05 12.36
C LEU A 179 17.74 -7.53 12.28
N GLU A 180 17.31 -8.14 13.39
CA GLU A 180 16.78 -9.51 13.38
C GLU A 180 15.73 -9.64 12.30
N TYR A 181 14.78 -8.72 12.34
CA TYR A 181 13.65 -8.71 11.43
C TYR A 181 14.06 -8.63 9.96
N LEU A 182 14.95 -7.69 9.63
CA LEU A 182 15.49 -7.50 8.28
C LEU A 182 16.33 -8.68 7.83
N HIS A 183 17.23 -9.15 8.71
CA HIS A 183 18.09 -10.27 8.37
C HIS A 183 17.31 -11.54 8.09
N THR A 184 16.23 -11.79 8.84
CA THR A 184 15.33 -12.92 8.56
C THR A 184 14.70 -12.80 7.15
N ARG A 185 14.50 -11.58 6.69
CA ARG A 185 14.05 -11.30 5.33
C ARG A 185 15.18 -11.19 4.26
N ARG A 186 16.41 -11.55 4.62
CA ARG A 186 17.58 -11.43 3.73
C ARG A 186 17.84 -9.99 3.27
N ILE A 187 17.57 -9.03 4.15
CA ILE A 187 17.86 -7.62 3.91
C ILE A 187 18.90 -7.16 4.91
N LEU A 188 19.84 -6.38 4.43
CA LEU A 188 20.97 -5.89 5.18
C LEU A 188 20.76 -4.38 5.19
N HIS A 189 20.82 -3.74 6.36
CA HIS A 189 20.54 -2.29 6.46
C HIS A 189 21.63 -1.49 5.73
N GLY A 190 22.89 -1.73 6.10
CA GLY A 190 24.05 -1.17 5.38
C GLY A 190 24.64 0.15 5.87
N ASP A 191 24.04 0.73 6.89
CA ASP A 191 24.45 2.02 7.45
C ASP A 191 23.82 2.23 8.84
N VAL A 192 24.05 1.26 9.72
CA VAL A 192 23.47 1.28 11.05
C VAL A 192 24.25 2.27 11.92
N LYS A 193 23.56 3.32 12.35
CA LYS A 193 24.14 4.33 13.21
C LYS A 193 23.03 5.10 13.91
N ALA A 194 23.41 5.92 14.87
CA ALA A 194 22.43 6.59 15.73
C ALA A 194 21.58 7.58 14.94
N ASP A 195 22.18 8.23 13.94
CA ASP A 195 21.46 9.14 13.01
C ASP A 195 20.31 8.45 12.28
N ASN A 196 20.35 7.13 12.15
CA ASN A 196 19.31 6.35 11.47
C ASN A 196 18.45 5.50 12.43
N VAL A 197 18.36 5.93 13.68
CA VAL A 197 17.44 5.34 14.63
C VAL A 197 16.58 6.47 15.11
N LEU A 198 15.27 6.31 14.98
CA LEU A 198 14.31 7.36 15.32
C LEU A 198 13.66 7.00 16.64
N LEU A 199 13.44 7.99 17.51
CA LEU A 199 12.82 7.76 18.81
C LEU A 199 11.37 8.25 18.89
N SER A 200 10.54 7.51 19.65
CA SER A 200 9.18 7.97 19.95
C SER A 200 9.19 9.22 20.85
N SER A 201 8.07 9.92 20.91
CA SER A 201 7.96 11.19 21.64
C SER A 201 8.40 11.13 23.11
N ASP A 202 8.25 9.98 23.76
CA ASP A 202 8.70 9.81 25.16
C ASP A 202 10.05 9.12 25.29
N GLY A 203 10.62 8.63 24.19
CA GLY A 203 11.93 7.96 24.21
C GLY A 203 11.95 6.45 24.42
N SER A 204 10.78 5.83 24.57
CA SER A 204 10.70 4.40 24.91
C SER A 204 10.74 3.44 23.72
N ARG A 205 10.51 3.95 22.50
CA ARG A 205 10.47 3.12 21.29
C ARG A 205 11.44 3.66 20.27
N ALA A 206 12.20 2.76 19.67
CA ALA A 206 13.20 3.12 18.67
C ALA A 206 12.92 2.37 17.39
N ALA A 207 13.21 3.00 16.25
CA ALA A 207 12.94 2.41 14.96
C ALA A 207 14.03 2.71 13.95
N LEU A 208 14.39 1.69 13.17
CA LEU A 208 15.38 1.85 12.12
C LEU A 208 14.77 2.70 10.99
N CYS A 209 15.55 3.66 10.52
CA CYS A 209 15.23 4.36 9.28
C CYS A 209 16.43 4.42 8.33
N ASP A 210 16.23 5.14 7.23
CA ASP A 210 17.27 5.47 6.25
C ASP A 210 17.85 4.17 5.64
N PHE A 211 17.03 3.50 4.84
CA PHE A 211 17.41 2.23 4.22
C PHE A 211 18.01 2.41 2.82
N GLY A 212 18.66 3.55 2.56
CA GLY A 212 19.17 3.87 1.22
C GLY A 212 20.37 3.04 0.78
N HIS A 213 21.06 2.44 1.74
CA HIS A 213 22.20 1.58 1.47
C HIS A 213 21.83 0.11 1.64
N ALA A 214 20.54 -0.22 1.72
CA ALA A 214 20.12 -1.60 1.96
C ALA A 214 20.46 -2.52 0.80
N LEU A 215 20.70 -3.79 1.10
CA LEU A 215 21.00 -4.82 0.08
C LEU A 215 20.26 -6.12 0.35
N CYS A 216 19.61 -6.66 -0.69
CA CYS A 216 19.00 -8.00 -0.66
C CYS A 216 20.06 -9.06 -0.88
N LEU A 217 20.02 -10.12 -0.06
CA LEU A 217 21.12 -11.09 0.07
C LEU A 217 20.85 -12.51 -0.42
N GLN A 218 21.95 -13.27 -0.44
CA GLN A 218 21.93 -14.73 -0.23
C GLN A 218 21.51 -14.98 1.23
N GLY A 223 27.24 -14.67 0.82
CA GLY A 223 27.72 -13.28 0.87
C GLY A 223 28.79 -12.96 -0.17
N LYS A 224 28.91 -11.67 -0.52
CA LYS A 224 29.93 -11.21 -1.49
C LYS A 224 30.35 -9.76 -1.26
N SER A 225 31.36 -9.32 -2.00
CA SER A 225 31.96 -7.99 -1.84
C SER A 225 30.95 -6.85 -2.05
N LEU A 226 30.99 -5.88 -1.15
CA LEU A 226 30.15 -4.70 -1.27
C LEU A 226 30.71 -3.70 -2.28
N LEU A 227 32.02 -3.76 -2.53
CA LEU A 227 32.71 -2.71 -3.30
C LEU A 227 32.87 -3.07 -4.79
N THR A 228 31.75 -3.03 -5.50
CA THR A 228 31.72 -3.23 -6.95
C THR A 228 30.71 -2.29 -7.58
N GLY A 229 30.92 -1.98 -8.84
CA GLY A 229 30.05 -1.07 -9.60
C GLY A 229 29.65 0.19 -8.84
N ASP A 230 28.38 0.57 -8.96
CA ASP A 230 27.91 1.90 -8.52
C ASP A 230 27.65 2.04 -7.00
N TYR A 231 27.93 1.02 -6.22
CA TYR A 231 27.44 0.97 -4.85
C TYR A 231 27.95 2.13 -4.01
N ILE A 232 27.02 2.77 -3.30
CA ILE A 232 27.32 3.79 -2.33
C ILE A 232 27.28 3.09 -0.99
N PRO A 233 28.42 3.08 -0.27
CA PRO A 233 28.51 2.45 1.04
C PRO A 233 28.12 3.38 2.18
N GLY A 234 28.21 2.86 3.41
CA GLY A 234 27.81 3.58 4.60
C GLY A 234 28.88 4.47 5.22
N THR A 235 28.71 4.71 6.51
CA THR A 235 29.51 5.64 7.27
C THR A 235 30.85 5.00 7.64
N GLU A 236 31.95 5.69 7.29
CA GLU A 236 33.31 5.13 7.42
C GLU A 236 33.61 4.60 8.83
N THR A 237 33.36 5.39 9.87
CA THR A 237 33.70 4.99 11.23
C THR A 237 32.98 3.74 11.75
N HIS A 238 31.85 3.38 11.15
CA HIS A 238 31.09 2.18 11.55
C HIS A 238 31.28 1.03 10.55
N MET A 239 32.22 1.16 9.60
CA MET A 239 32.43 0.12 8.59
C MET A 239 33.11 -1.08 9.19
N ALA A 240 32.60 -2.27 8.89
CA ALA A 240 33.22 -3.51 9.31
C ALA A 240 34.43 -3.82 8.43
N PRO A 241 35.45 -4.50 9.00
CA PRO A 241 36.71 -4.70 8.26
C PRO A 241 36.53 -5.39 6.91
N GLU A 242 35.58 -6.34 6.83
CA GLU A 242 35.28 -7.04 5.57
C GLU A 242 34.76 -6.10 4.46
N VAL A 243 34.02 -5.06 4.87
CA VAL A 243 33.60 -4.02 3.94
C VAL A 243 34.82 -3.30 3.40
N VAL A 244 35.68 -2.86 4.31
CA VAL A 244 36.83 -2.01 3.99
C VAL A 244 37.89 -2.73 3.15
N MET A 245 38.13 -4.00 3.45
CA MET A 245 39.13 -4.81 2.74
C MET A 245 38.64 -5.34 1.39
N GLY A 246 37.35 -5.14 1.08
CA GLY A 246 36.78 -5.64 -0.17
C GLY A 246 36.40 -7.10 -0.10
N LYS A 247 36.18 -7.62 1.10
CA LYS A 247 35.89 -9.05 1.33
C LYS A 247 34.40 -9.36 1.24
N PRO A 248 34.07 -10.66 1.14
CA PRO A 248 32.69 -11.13 1.29
C PRO A 248 31.99 -10.57 2.53
N CYS A 249 30.88 -9.89 2.29
CA CYS A 249 30.05 -9.31 3.33
C CYS A 249 28.72 -10.06 3.38
N ASP A 250 28.15 -10.12 4.57
CA ASP A 250 26.80 -10.68 4.79
C ASP A 250 26.09 -9.87 5.91
N ALA A 251 25.00 -10.39 6.49
CA ALA A 251 24.24 -9.65 7.51
C ALA A 251 25.09 -9.11 8.66
N LYS A 252 26.22 -9.77 8.95
CA LYS A 252 27.08 -9.47 10.10
C LYS A 252 27.67 -8.07 10.07
N VAL A 253 27.81 -7.45 8.89
CA VAL A 253 28.31 -6.07 8.81
C VAL A 253 27.42 -5.13 9.63
N ASP A 254 26.12 -5.40 9.66
CA ASP A 254 25.18 -4.59 10.46
C ASP A 254 25.45 -4.68 11.95
N ILE A 255 26.08 -5.76 12.39
CA ILE A 255 26.31 -5.99 13.82
C ILE A 255 27.50 -5.17 14.26
N TRP A 256 28.56 -5.20 13.45
CA TRP A 256 29.72 -4.37 13.65
C TRP A 256 29.32 -2.92 13.83
N SER A 257 28.52 -2.41 12.89
CA SER A 257 28.08 -1.02 12.90
C SER A 257 27.25 -0.68 14.12
N SER A 258 26.39 -1.62 14.52
CA SER A 258 25.58 -1.43 15.69
C SER A 258 26.44 -1.36 16.98
N CYS A 259 27.55 -2.11 17.04
CA CYS A 259 28.44 -1.99 18.18
C CYS A 259 29.28 -0.71 18.09
N CYS A 260 29.60 -0.26 16.87
CA CYS A 260 30.20 1.06 16.71
C CYS A 260 29.21 2.15 17.19
N MET A 261 27.92 1.93 16.94
CA MET A 261 26.87 2.80 17.44
C MET A 261 26.81 2.76 18.97
N MET A 262 26.97 1.58 19.56
CA MET A 262 27.00 1.45 21.02
C MET A 262 28.16 2.25 21.61
N LEU A 263 29.34 2.14 21.02
CA LEU A 263 30.48 2.95 21.47
C LEU A 263 30.19 4.45 21.36
N HIS A 264 29.52 4.85 20.28
CA HIS A 264 29.10 6.25 20.08
C HIS A 264 28.19 6.73 21.20
N MET A 265 27.20 5.92 21.57
CA MET A 265 26.33 6.22 22.70
C MET A 265 27.08 6.36 24.03
N LEU A 266 28.00 5.43 24.31
CA LEU A 266 28.70 5.40 25.60
C LEU A 266 29.74 6.50 25.76
N ASN A 267 30.54 6.72 24.71
CA ASN A 267 31.63 7.68 24.73
C ASN A 267 31.28 9.08 24.23
N GLY A 268 30.19 9.20 23.47
CA GLY A 268 29.77 10.48 22.90
C GLY A 268 30.53 10.91 21.66
N CYS A 269 31.28 9.97 21.08
CA CYS A 269 32.01 10.18 19.84
C CYS A 269 32.12 8.83 19.13
N HIS A 270 32.30 8.89 17.81
CA HIS A 270 32.41 7.68 16.99
C HIS A 270 33.69 6.93 17.38
N PRO A 271 33.71 5.61 17.16
CA PRO A 271 34.97 4.88 17.35
C PRO A 271 36.04 5.29 16.34
N TRP A 272 37.29 4.99 16.65
CA TRP A 272 38.46 5.38 15.85
C TRP A 272 38.87 6.86 15.84
N THR A 273 37.96 7.81 16.08
CA THR A 273 38.27 9.24 15.85
C THR A 273 39.22 9.84 16.87
N GLN A 274 39.16 9.36 18.11
CA GLN A 274 40.02 9.92 19.18
C GLN A 274 41.44 9.34 19.27
N TYR A 275 41.75 8.33 18.45
CA TYR A 275 43.12 7.81 18.32
C TYR A 275 43.75 8.03 16.93
N PHE A 276 42.94 8.25 15.90
CA PHE A 276 43.43 8.44 14.51
C PHE A 276 42.61 9.51 13.78
N ARG A 277 43.21 10.10 12.75
CA ARG A 277 42.62 11.24 12.02
C ARG A 277 42.81 11.11 10.50
N GLY A 278 44.05 10.88 10.06
CA GLY A 278 44.33 10.40 8.69
C GLY A 278 43.60 9.09 8.41
N PRO A 279 43.31 8.81 7.12
CA PRO A 279 42.22 7.92 6.63
C PRO A 279 41.87 6.73 7.53
N LEU A 280 40.63 6.68 7.99
CA LEU A 280 40.21 5.75 9.06
C LEU A 280 39.92 4.33 8.54
N CYS A 281 39.53 4.20 7.27
CA CYS A 281 39.39 2.89 6.62
C CYS A 281 40.68 2.01 6.65
N LEU A 282 41.86 2.62 6.58
CA LEU A 282 43.11 1.85 6.65
C LEU A 282 43.43 1.33 8.08
N LYS A 283 43.00 2.06 9.10
CA LYS A 283 43.14 1.58 10.48
C LYS A 283 42.19 0.43 10.79
N ILE A 284 40.99 0.46 10.22
CA ILE A 284 40.00 -0.60 10.43
C ILE A 284 40.50 -1.93 9.86
N ALA A 285 41.21 -1.88 8.74
CA ALA A 285 41.83 -3.08 8.17
C ALA A 285 42.97 -3.61 9.05
N SER A 286 43.89 -2.72 9.43
CA SER A 286 45.15 -3.11 10.05
C SER A 286 45.07 -3.35 11.57
N GLU A 287 44.38 -2.48 12.29
CA GLU A 287 44.35 -2.52 13.77
C GLU A 287 43.39 -3.59 14.33
N PRO A 288 43.63 -4.03 15.58
CA PRO A 288 42.60 -4.84 16.24
C PRO A 288 41.34 -4.00 16.43
N PRO A 289 40.19 -4.65 16.64
CA PRO A 289 38.95 -3.90 16.76
C PRO A 289 38.96 -2.97 17.97
N PRO A 290 38.08 -1.96 17.97
CA PRO A 290 38.18 -0.89 18.95
C PRO A 290 37.57 -1.23 20.31
N ILE A 291 37.85 -2.44 20.81
CA ILE A 291 37.39 -2.89 22.14
C ILE A 291 38.03 -2.12 23.31
N ARG A 292 39.19 -1.50 23.08
CA ARG A 292 39.78 -0.60 24.07
C ARG A 292 38.90 0.62 24.37
N GLU A 293 38.09 1.05 23.42
CA GLU A 293 37.13 2.17 23.64
C GLU A 293 35.94 1.81 24.53
N ILE A 294 35.80 0.53 24.89
CA ILE A 294 34.79 0.12 25.87
C ILE A 294 35.18 0.75 27.20
N PRO A 295 34.29 1.57 27.80
CA PRO A 295 34.58 2.22 29.08
C PRO A 295 34.87 1.24 30.23
N PRO A 296 35.87 1.55 31.08
CA PRO A 296 36.13 0.71 32.25
C PRO A 296 34.93 0.49 33.18
N SER A 297 34.08 1.51 33.33
CA SER A 297 32.94 1.47 34.27
C SER A 297 31.77 0.58 33.83
N CYS A 298 31.78 0.14 32.57
CA CYS A 298 30.73 -0.72 32.06
C CYS A 298 30.80 -2.09 32.72
N ALA A 299 29.63 -2.71 32.91
CA ALA A 299 29.52 -4.00 33.57
C ALA A 299 30.10 -5.11 32.66
N PRO A 300 30.49 -6.26 33.24
CA PRO A 300 31.21 -7.28 32.44
C PRO A 300 30.50 -7.75 31.17
N LEU A 301 29.19 -7.97 31.25
CA LEU A 301 28.44 -8.54 30.13
C LEU A 301 28.18 -7.51 29.03
N THR A 302 28.06 -6.23 29.43
CA THR A 302 28.07 -5.13 28.48
C THR A 302 29.35 -5.12 27.65
N ALA A 303 30.49 -5.23 28.33
CA ALA A 303 31.79 -5.31 27.65
C ALA A 303 31.88 -6.55 26.78
N GLN A 304 31.45 -7.67 27.35
CA GLN A 304 31.45 -8.96 26.66
C GLN A 304 30.65 -8.89 25.34
N ALA A 305 29.47 -8.27 25.39
CA ALA A 305 28.56 -8.20 24.25
C ALA A 305 29.13 -7.37 23.09
N ILE A 306 29.67 -6.19 23.43
CA ILE A 306 30.33 -5.34 22.46
C ILE A 306 31.53 -6.04 21.81
N GLN A 307 32.31 -6.80 22.59
CA GLN A 307 33.40 -7.62 22.06
C GLN A 307 32.95 -8.70 21.06
N GLU A 308 31.80 -9.33 21.33
CA GLU A 308 31.22 -10.34 20.42
C GLU A 308 30.61 -9.77 19.13
N GLY A 309 30.29 -8.48 19.12
CA GLY A 309 29.86 -7.81 17.90
C GLY A 309 30.97 -7.10 17.14
N LEU A 310 32.17 -7.01 17.73
CA LEU A 310 33.32 -6.37 17.07
C LEU A 310 34.46 -7.35 16.77
N ARG A 311 34.11 -8.62 16.57
CA ARG A 311 35.09 -9.60 16.10
C ARG A 311 35.31 -9.31 14.61
N LYS A 312 36.57 -9.25 14.20
CA LYS A 312 36.92 -8.81 12.85
C LYS A 312 36.42 -9.72 11.74
N GLU A 313 36.58 -11.03 11.91
CA GLU A 313 36.11 -12.03 10.95
C GLU A 313 34.62 -12.27 11.21
N PRO A 314 33.75 -12.07 10.20
CA PRO A 314 32.30 -12.20 10.46
C PRO A 314 31.81 -13.57 10.92
N VAL A 315 32.49 -14.66 10.55
CA VAL A 315 32.05 -15.98 11.00
C VAL A 315 32.07 -16.06 12.53
N HIS A 316 33.09 -15.46 13.15
CA HIS A 316 33.20 -15.44 14.61
C HIS A 316 32.33 -14.36 15.31
N ARG A 317 31.82 -13.39 14.54
CA ARG A 317 31.02 -12.27 15.08
C ARG A 317 29.60 -12.74 15.31
N ALA A 318 28.98 -12.20 16.36
CA ALA A 318 27.62 -12.55 16.73
C ALA A 318 26.63 -12.15 15.64
N SER A 319 25.62 -12.98 15.45
CA SER A 319 24.45 -12.61 14.68
C SER A 319 23.59 -11.62 15.47
N ALA A 320 22.59 -11.06 14.80
CA ALA A 320 21.68 -10.11 15.42
C ALA A 320 20.88 -10.76 16.55
N MET A 321 20.35 -11.97 16.31
CA MET A 321 19.63 -12.78 17.31
C MET A 321 20.49 -13.06 18.55
N GLU A 322 21.72 -13.51 18.33
CA GLU A 322 22.65 -13.82 19.41
C GLU A 322 22.95 -12.60 20.26
N LEU A 323 23.34 -11.52 19.59
CA LEU A 323 23.69 -10.28 20.27
C LEU A 323 22.50 -9.60 20.96
N ARG A 324 21.30 -9.68 20.36
CA ARG A 324 20.11 -9.12 20.97
C ARG A 324 19.78 -9.81 22.30
N ARG A 325 19.85 -11.15 22.32
CA ARG A 325 19.66 -11.92 23.58
C ARG A 325 20.69 -11.54 24.66
N LYS A 326 21.94 -11.39 24.25
CA LYS A 326 23.01 -11.01 25.19
C LYS A 326 22.94 -9.57 25.71
N VAL A 327 22.52 -8.65 24.84
CA VAL A 327 22.30 -7.26 25.22
C VAL A 327 21.07 -7.18 26.16
N GLY A 328 20.08 -8.03 25.93
CA GLY A 328 18.94 -8.12 26.84
C GLY A 328 19.35 -8.54 28.25
N LYS A 329 20.18 -9.59 28.34
CA LYS A 329 20.70 -10.04 29.62
C LYS A 329 21.63 -8.97 30.24
N ALA A 330 22.51 -8.37 29.44
CA ALA A 330 23.35 -7.26 29.95
C ALA A 330 22.53 -6.20 30.71
N LEU A 331 21.44 -5.76 30.07
CA LEU A 331 20.55 -4.77 30.65
C LEU A 331 19.92 -5.22 31.98
N GLN A 332 19.43 -6.47 32.03
CA GLN A 332 18.92 -7.07 33.26
C GLN A 332 19.98 -7.06 34.39
N GLU A 333 21.23 -7.34 34.01
CA GLU A 333 22.35 -7.45 34.95
C GLU A 333 22.72 -6.12 35.60
N VAL A 334 22.38 -5.00 34.94
CA VAL A 334 22.57 -3.67 35.54
C VAL A 334 21.27 -3.06 36.16
N GLY A 335 20.25 -3.88 36.38
CA GLY A 335 19.04 -3.48 37.07
C GLY A 335 17.90 -3.01 36.20
N GLY A 336 18.04 -3.19 34.89
CA GLY A 336 17.03 -2.81 33.91
C GLY A 336 17.12 -1.34 33.53
N LEU A 337 16.20 -0.89 32.68
CA LEU A 337 16.13 0.51 32.30
C LEU A 337 15.62 1.34 33.47
N LYS A 338 16.46 2.23 33.99
CA LYS A 338 16.09 3.15 35.08
C LYS A 338 16.38 4.63 34.83
N SER A 339 17.42 4.93 34.05
CA SER A 339 17.79 6.32 33.77
C SER A 339 16.65 6.99 33.04
N PRO A 340 16.39 8.28 33.34
CA PRO A 340 15.44 9.02 32.51
C PRO A 340 15.89 9.17 31.07
N TRP A 341 14.94 9.50 30.20
CA TRP A 341 15.21 9.61 28.76
C TRP A 341 16.17 10.76 28.44
N LYS A 342 15.89 11.92 29.03
CA LYS A 342 16.78 13.08 29.00
C LYS A 342 17.12 13.53 30.42
N GLY A 343 18.17 12.93 30.97
CA GLY A 343 18.67 13.27 32.30
C GLY A 343 19.54 14.52 32.26
N GLU A 344 20.73 14.43 32.85
CA GLU A 344 21.69 15.56 32.86
C GLU A 344 22.79 15.27 31.85
N TYR A 345 23.51 16.32 31.46
CA TYR A 345 24.60 16.23 30.49
C TYR A 345 25.75 15.36 31.02
N LYS A 346 26.33 14.51 30.17
CA LYS A 346 27.54 13.73 30.51
C LYS A 346 28.64 13.99 29.49
N GLU A 347 29.76 14.57 29.93
CA GLU A 347 30.87 14.96 29.06
C GLU A 347 31.44 13.75 28.28
N PRO A 348 31.55 13.86 26.95
CA PRO A 348 32.21 12.80 26.18
C PRO A 348 33.71 12.68 26.47
N ARG A 349 34.19 11.44 26.61
CA ARG A 349 35.63 11.16 26.63
C ARG A 349 36.09 11.09 25.19
N PRO B 8 -25.87 0.41 -41.37
CA PRO B 8 -25.84 1.57 -42.26
C PRO B 8 -26.26 2.86 -41.53
N VAL B 9 -27.56 3.02 -41.27
CA VAL B 9 -28.08 4.11 -40.43
C VAL B 9 -27.36 4.27 -39.08
N GLU B 10 -26.73 3.21 -38.57
CA GLU B 10 -25.99 3.25 -37.30
C GLU B 10 -25.00 4.41 -37.26
N GLU B 11 -24.13 4.45 -38.26
CA GLU B 11 -23.18 5.56 -38.52
C GLU B 11 -23.84 6.96 -38.45
N TYR B 12 -25.02 7.13 -39.06
CA TYR B 12 -25.74 8.42 -39.04
C TYR B 12 -26.30 8.80 -37.66
N LEU B 13 -26.78 7.81 -36.91
CA LEU B 13 -27.21 8.02 -35.51
C LEU B 13 -26.06 8.49 -34.62
N VAL B 14 -24.87 7.97 -34.86
CA VAL B 14 -23.69 8.37 -34.11
C VAL B 14 -23.31 9.81 -34.48
N HIS B 15 -23.27 10.16 -35.77
CA HIS B 15 -22.95 11.52 -36.21
CA HIS B 15 -22.94 11.54 -36.18
C HIS B 15 -23.85 12.55 -35.50
N ALA B 16 -25.14 12.22 -35.35
CA ALA B 16 -26.13 13.09 -34.71
C ALA B 16 -25.88 13.34 -33.22
N LEU B 17 -25.19 12.41 -32.56
CA LEU B 17 -24.84 12.54 -31.14
C LEU B 17 -23.52 13.27 -30.89
N GLN B 18 -22.63 13.28 -31.89
CA GLN B 18 -21.30 13.86 -31.74
C GLN B 18 -21.35 15.40 -31.70
N GLY B 19 -20.54 15.98 -30.83
CA GLY B 19 -20.43 17.43 -30.77
C GLY B 19 -21.44 18.14 -29.90
N SER B 20 -22.32 17.39 -29.22
CA SER B 20 -23.32 17.97 -28.34
C SER B 20 -23.53 17.09 -27.10
N VAL B 21 -24.00 17.72 -26.02
CA VAL B 21 -24.58 17.01 -24.90
C VAL B 21 -26.10 17.07 -25.04
N SER B 22 -26.74 15.90 -24.97
CA SER B 22 -28.17 15.78 -25.10
C SER B 22 -28.78 15.06 -23.92
N SER B 23 -30.05 15.37 -23.66
CA SER B 23 -30.89 14.51 -22.85
C SER B 23 -31.34 13.33 -23.73
N GLY B 24 -31.11 12.11 -23.26
CA GLY B 24 -31.42 10.92 -24.06
C GLY B 24 -31.47 9.61 -23.28
N GLN B 25 -31.40 8.51 -24.03
CA GLN B 25 -31.53 7.17 -23.47
C GLN B 25 -30.17 6.43 -23.51
N ALA B 26 -30.09 5.37 -22.71
CA ALA B 26 -28.84 4.64 -22.46
C ALA B 26 -28.21 4.10 -23.74
N HIS B 27 -29.04 3.61 -24.65
CA HIS B 27 -28.56 3.10 -25.94
C HIS B 27 -27.86 4.16 -26.80
N SER B 28 -28.37 5.39 -26.82
CA SER B 28 -27.70 6.51 -27.49
C SER B 28 -26.34 6.79 -26.83
N LEU B 29 -26.30 6.75 -25.50
CA LEU B 29 -25.06 6.97 -24.74
C LEU B 29 -23.99 5.94 -25.10
N ALA B 30 -24.39 4.68 -25.16
CA ALA B 30 -23.50 3.59 -25.50
C ALA B 30 -22.92 3.74 -26.90
N SER B 31 -23.78 4.04 -27.88
CA SER B 31 -23.37 4.32 -29.26
C SER B 31 -22.27 5.39 -29.34
N LEU B 32 -22.50 6.51 -28.66
CA LEU B 32 -21.56 7.62 -28.66
C LEU B 32 -20.25 7.30 -27.93
N ALA B 33 -20.36 6.57 -26.82
CA ALA B 33 -19.21 6.22 -25.97
C ALA B 33 -18.22 5.28 -26.65
N LYS B 34 -18.70 4.49 -27.60
CA LYS B 34 -17.84 3.64 -28.41
C LYS B 34 -16.77 4.45 -29.15
N THR B 35 -17.11 5.67 -29.58
CA THR B 35 -16.16 6.57 -30.25
C THR B 35 -15.07 7.13 -29.30
N TRP B 36 -15.34 7.16 -28.00
CA TRP B 36 -14.37 7.57 -26.98
C TRP B 36 -13.37 6.45 -26.66
N SER B 37 -13.79 5.23 -26.94
CA SER B 37 -12.97 4.04 -26.71
C SER B 37 -12.08 3.78 -27.92
N ASP B 52 -16.27 18.99 -29.32
CA ASP B 52 -15.32 18.53 -28.30
C ASP B 52 -15.97 18.23 -26.92
N ASN B 53 -16.97 19.02 -26.52
CA ASN B 53 -17.78 18.71 -25.33
C ASN B 53 -19.02 17.93 -25.82
N GLU B 54 -19.20 16.71 -25.36
CA GLU B 54 -20.30 15.88 -25.88
C GLU B 54 -20.69 14.74 -24.92
N GLY B 55 -21.92 14.28 -25.04
CA GLY B 55 -22.37 13.15 -24.26
C GLY B 55 -23.87 13.02 -24.16
N VAL B 56 -24.31 12.16 -23.25
CA VAL B 56 -25.73 11.92 -23.01
C VAL B 56 -26.03 11.86 -21.52
N LEU B 57 -27.01 12.66 -21.11
CA LEU B 57 -27.54 12.63 -19.75
C LEU B 57 -28.87 11.89 -19.74
N LEU B 58 -28.99 10.94 -18.82
CA LEU B 58 -30.09 9.96 -18.86
C LEU B 58 -31.24 10.32 -17.92
N THR B 59 -31.12 11.43 -17.20
CA THR B 59 -32.17 11.84 -16.27
C THR B 59 -32.32 13.35 -16.28
N GLU B 60 -33.56 13.83 -16.14
CA GLU B 60 -33.85 15.29 -16.16
C GLU B 60 -33.29 16.05 -14.93
N LYS B 61 -32.72 15.35 -13.95
CA LYS B 61 -31.97 16.00 -12.87
C LYS B 61 -30.66 16.66 -13.35
N LEU B 62 -30.04 16.11 -14.39
CA LEU B 62 -28.84 16.68 -15.02
C LEU B 62 -29.22 17.12 -16.43
N LYS B 63 -29.23 18.44 -16.65
CA LYS B 63 -29.70 19.06 -17.90
C LYS B 63 -28.56 19.74 -18.63
N PRO B 64 -28.37 19.44 -19.94
CA PRO B 64 -27.42 20.22 -20.72
C PRO B 64 -27.97 21.62 -20.94
N VAL B 65 -27.07 22.55 -21.24
CA VAL B 65 -27.39 23.96 -21.43
C VAL B 65 -26.72 24.37 -22.74
N ASP B 66 -27.54 24.78 -23.71
CA ASP B 66 -27.11 25.10 -25.06
C ASP B 66 -26.03 24.17 -25.59
N TYR B 67 -26.37 22.88 -25.67
CA TYR B 67 -25.55 21.83 -26.28
C TYR B 67 -24.34 21.38 -25.44
N GLU B 68 -24.14 21.96 -24.25
CA GLU B 68 -22.93 21.77 -23.44
C GLU B 68 -23.25 21.27 -22.04
N TYR B 69 -22.23 20.69 -21.40
CA TYR B 69 -22.30 20.32 -19.98
C TYR B 69 -20.85 20.25 -19.51
N ARG B 70 -20.41 21.31 -18.85
CA ARG B 70 -19.00 21.60 -18.65
C ARG B 70 -18.77 21.71 -17.15
N GLU B 71 -17.65 21.16 -16.70
CA GLU B 71 -17.26 21.21 -15.29
C GLU B 71 -17.00 22.64 -14.79
N GLU B 72 -17.52 22.92 -13.60
CA GLU B 72 -17.53 24.25 -12.97
C GLU B 72 -18.28 25.34 -13.73
N VAL B 73 -19.06 24.98 -14.74
CA VAL B 73 -19.90 25.93 -15.45
C VAL B 73 -21.37 25.52 -15.30
N HIS B 74 -21.67 24.30 -15.70
CA HIS B 74 -23.01 23.72 -15.58
C HIS B 74 -23.15 22.71 -14.42
N TRP B 75 -22.05 22.07 -14.02
CA TRP B 75 -22.00 21.29 -12.80
C TRP B 75 -20.76 21.62 -11.95
N MET B 76 -20.96 21.71 -10.64
CA MET B 76 -19.92 22.15 -9.70
C MET B 76 -19.60 20.99 -8.79
N THR B 77 -18.31 20.71 -8.56
CA THR B 77 -17.90 19.76 -7.52
C THR B 77 -17.95 20.40 -6.12
N HIS B 78 -18.22 19.59 -5.11
CA HIS B 78 -18.44 20.09 -3.77
C HIS B 78 -17.14 20.63 -3.16
N GLN B 79 -17.21 21.75 -2.44
CA GLN B 79 -16.04 22.34 -1.76
C GLN B 79 -16.07 22.12 -0.25
N PRO B 80 -14.91 21.86 0.39
CA PRO B 80 -13.61 21.71 -0.28
C PRO B 80 -13.51 20.43 -1.13
N ARG B 81 -12.62 20.44 -2.12
CA ARG B 81 -12.49 19.33 -3.06
C ARG B 81 -11.99 18.05 -2.37
N VAL B 82 -12.92 17.13 -2.13
CA VAL B 82 -12.63 15.82 -1.52
C VAL B 82 -13.05 14.74 -2.52
N GLY B 83 -12.14 13.79 -2.76
CA GLY B 83 -12.33 12.70 -3.70
C GLY B 83 -12.31 11.33 -3.03
N ARG B 84 -12.91 10.37 -3.73
CA ARG B 84 -13.01 9.00 -3.28
C ARG B 84 -12.65 8.10 -4.43
N GLY B 85 -12.57 6.80 -4.15
CA GLY B 85 -12.12 5.79 -5.09
C GLY B 85 -10.62 5.61 -5.02
N SER B 86 -10.10 4.54 -5.62
CA SER B 86 -8.67 4.24 -5.62
C SER B 86 -7.74 5.39 -6.05
N PHE B 87 -8.20 6.22 -6.97
CA PHE B 87 -7.40 7.33 -7.47
C PHE B 87 -7.89 8.70 -7.01
N GLY B 88 -8.83 8.73 -6.06
CA GLY B 88 -9.49 9.98 -5.64
C GLY B 88 -10.25 10.63 -6.79
N GLU B 89 -10.75 9.80 -7.71
CA GLU B 89 -11.32 10.28 -8.96
C GLU B 89 -12.87 10.48 -8.93
N VAL B 90 -13.50 10.19 -7.79
CA VAL B 90 -14.95 10.30 -7.64
C VAL B 90 -15.31 11.44 -6.69
N HIS B 91 -16.22 12.32 -7.11
CA HIS B 91 -16.60 13.48 -6.32
C HIS B 91 -18.10 13.71 -6.26
N ARG B 92 -18.53 14.45 -5.25
CA ARG B 92 -19.89 14.96 -5.19
C ARG B 92 -19.99 16.22 -6.03
N MET B 93 -21.07 16.33 -6.78
CA MET B 93 -21.37 17.54 -7.53
C MET B 93 -22.85 17.86 -7.52
N LYS B 94 -23.13 19.08 -7.94
CA LYS B 94 -24.46 19.65 -7.97
C LYS B 94 -24.63 20.18 -9.39
N ASP B 95 -25.75 19.87 -10.01
CA ASP B 95 -26.15 20.51 -11.27
C ASP B 95 -26.59 21.91 -10.91
N LYS B 96 -26.00 22.93 -11.52
CA LYS B 96 -26.26 24.32 -11.14
C LYS B 96 -27.72 24.76 -11.33
N GLN B 97 -28.39 24.22 -12.34
CA GLN B 97 -29.74 24.67 -12.72
C GLN B 97 -30.76 23.99 -11.82
N THR B 98 -30.67 22.67 -11.72
CA THR B 98 -31.65 21.85 -10.99
C THR B 98 -31.34 21.67 -9.49
N GLY B 99 -30.08 21.87 -9.11
CA GLY B 99 -29.65 21.71 -7.72
C GLY B 99 -29.52 20.28 -7.22
N PHE B 100 -29.76 19.29 -8.09
CA PHE B 100 -29.73 17.89 -7.73
CA PHE B 100 -29.74 17.91 -7.67
C PHE B 100 -28.29 17.43 -7.61
N GLN B 101 -28.02 16.60 -6.61
CA GLN B 101 -26.69 16.12 -6.32
C GLN B 101 -26.56 14.68 -6.70
N CYS B 102 -25.39 14.38 -7.26
CA CYS B 102 -25.04 13.02 -7.59
C CYS B 102 -23.52 12.85 -7.45
N ALA B 103 -23.00 11.72 -7.90
CA ALA B 103 -21.58 11.48 -7.89
C ALA B 103 -21.04 11.55 -9.33
N VAL B 104 -19.76 11.87 -9.46
CA VAL B 104 -19.12 11.87 -10.77
C VAL B 104 -17.82 11.11 -10.63
N LYS B 105 -17.55 10.22 -11.59
CA LYS B 105 -16.25 9.59 -11.72
C LYS B 105 -15.53 10.16 -12.93
N LYS B 106 -14.27 10.50 -12.72
CA LYS B 106 -13.43 11.05 -13.76
C LYS B 106 -12.52 9.95 -14.26
N VAL B 107 -12.63 9.66 -15.55
CA VAL B 107 -11.86 8.63 -16.21
C VAL B 107 -11.05 9.36 -17.27
N ARG B 108 -9.77 9.07 -17.36
CA ARG B 108 -8.96 9.66 -18.42
C ARG B 108 -9.43 9.12 -19.77
N LEU B 109 -9.72 10.03 -20.70
CA LEU B 109 -10.20 9.69 -22.05
C LEU B 109 -9.24 8.74 -22.79
N GLU B 110 -7.94 8.96 -22.64
CA GLU B 110 -6.90 8.12 -23.27
C GLU B 110 -6.98 6.62 -22.90
N VAL B 111 -7.54 6.28 -21.74
CA VAL B 111 -7.69 4.87 -21.33
C VAL B 111 -9.13 4.43 -21.09
N PHE B 112 -10.11 5.25 -21.50
CA PHE B 112 -11.51 4.94 -21.29
C PHE B 112 -11.94 3.72 -22.10
N ARG B 113 -12.70 2.85 -21.43
CA ARG B 113 -13.27 1.64 -22.00
C ARG B 113 -14.82 1.71 -21.96
N VAL B 114 -15.46 1.54 -23.10
CA VAL B 114 -16.93 1.57 -23.22
C VAL B 114 -17.63 0.52 -22.33
N GLU B 115 -16.98 -0.63 -22.12
CA GLU B 115 -17.48 -1.69 -21.24
C GLU B 115 -17.86 -1.18 -19.83
N GLU B 116 -17.20 -0.12 -19.37
CA GLU B 116 -17.53 0.47 -18.08
C GLU B 116 -18.97 1.00 -18.05
N LEU B 117 -19.43 1.59 -19.17
CA LEU B 117 -20.81 2.05 -19.30
C LEU B 117 -21.78 0.94 -19.74
N VAL B 118 -21.34 0.01 -20.59
CA VAL B 118 -22.19 -1.13 -20.97
C VAL B 118 -22.65 -1.91 -19.72
N ALA B 119 -21.74 -2.07 -18.77
CA ALA B 119 -22.03 -2.81 -17.54
C ALA B 119 -22.99 -2.14 -16.56
N CYS B 120 -23.29 -0.85 -16.73
CA CYS B 120 -24.29 -0.18 -15.90
C CYS B 120 -25.36 0.68 -16.61
N ALA B 121 -25.33 0.80 -17.95
CA ALA B 121 -26.20 1.76 -18.68
C ALA B 121 -27.50 1.13 -19.17
N GLY B 122 -28.62 1.67 -18.71
CA GLY B 122 -29.95 1.09 -19.00
C GLY B 122 -30.30 -0.08 -18.09
N LEU B 123 -29.34 -0.52 -17.29
CA LEU B 123 -29.51 -1.62 -16.38
C LEU B 123 -30.22 -1.11 -15.12
N SER B 124 -31.36 -1.73 -14.80
CA SER B 124 -32.09 -1.38 -13.56
C SER B 124 -32.10 -2.57 -12.60
N SER B 125 -31.11 -2.59 -11.71
CA SER B 125 -30.99 -3.60 -10.66
C SER B 125 -30.56 -2.86 -9.40
N PRO B 126 -31.17 -3.20 -8.24
CA PRO B 126 -30.72 -2.60 -6.97
C PRO B 126 -29.27 -2.91 -6.57
N ARG B 127 -28.66 -3.92 -7.20
CA ARG B 127 -27.28 -4.33 -6.94
C ARG B 127 -26.25 -3.72 -7.91
N ILE B 128 -26.70 -2.83 -8.78
CA ILE B 128 -25.79 -2.11 -9.70
C ILE B 128 -26.10 -0.62 -9.49
N VAL B 129 -25.06 0.17 -9.23
CA VAL B 129 -25.23 1.62 -8.99
C VAL B 129 -25.93 2.24 -10.22
N PRO B 130 -26.93 3.12 -10.00
CA PRO B 130 -27.58 3.76 -11.16
C PRO B 130 -26.68 4.74 -11.91
N LEU B 131 -26.66 4.60 -13.23
CA LEU B 131 -25.92 5.48 -14.13
C LEU B 131 -26.83 6.64 -14.53
N TYR B 132 -26.33 7.86 -14.39
CA TYR B 132 -27.08 9.07 -14.74
C TYR B 132 -26.64 9.71 -16.04
N GLY B 133 -25.43 9.40 -16.49
CA GLY B 133 -24.94 9.85 -17.78
C GLY B 133 -23.44 9.82 -17.87
N ALA B 134 -22.95 10.15 -19.06
CA ALA B 134 -21.52 10.34 -19.26
C ALA B 134 -21.33 11.51 -20.23
N VAL B 135 -20.32 12.32 -19.95
CA VAL B 135 -19.98 13.48 -20.79
C VAL B 135 -18.48 13.56 -20.94
N ARG B 136 -18.04 13.65 -22.17
CA ARG B 136 -16.65 13.87 -22.48
C ARG B 136 -16.40 15.40 -22.48
N GLU B 137 -15.34 15.81 -21.80
CA GLU B 137 -14.87 17.19 -21.86
C GLU B 137 -13.34 17.22 -21.85
N GLY B 138 -12.76 17.58 -22.99
CA GLY B 138 -11.31 17.63 -23.12
C GLY B 138 -10.67 16.28 -22.87
N PRO B 139 -9.67 16.20 -21.99
CA PRO B 139 -9.03 14.92 -21.71
C PRO B 139 -9.79 13.98 -20.73
N TRP B 140 -11.04 14.31 -20.38
CA TRP B 140 -11.79 13.55 -19.37
C TRP B 140 -13.08 12.96 -19.92
N VAL B 141 -13.45 11.80 -19.41
CA VAL B 141 -14.83 11.33 -19.49
C VAL B 141 -15.40 11.36 -18.08
N ASN B 142 -16.44 12.19 -17.90
CA ASN B 142 -17.09 12.36 -16.60
C ASN B 142 -18.32 11.46 -16.57
N ILE B 143 -18.34 10.49 -15.67
CA ILE B 143 -19.47 9.54 -15.55
C ILE B 143 -20.30 9.88 -14.33
N PHE B 144 -21.60 10.09 -14.51
CA PHE B 144 -22.48 10.58 -13.47
C PHE B 144 -23.31 9.42 -12.93
N MET B 145 -23.48 9.38 -11.61
CA MET B 145 -24.08 8.25 -10.89
C MET B 145 -24.89 8.75 -9.72
N GLU B 146 -25.83 7.93 -9.27
CA GLU B 146 -26.53 8.23 -8.02
C GLU B 146 -25.56 8.19 -6.83
N LEU B 147 -25.82 9.06 -5.86
CA LEU B 147 -25.00 9.19 -4.67
C LEU B 147 -25.51 8.18 -3.67
N LEU B 148 -24.61 7.34 -3.17
CA LEU B 148 -24.92 6.33 -2.16
C LEU B 148 -24.24 6.75 -0.87
N GLU B 149 -25.03 7.05 0.14
CA GLU B 149 -24.53 7.78 1.31
C GLU B 149 -23.80 6.92 2.35
N GLY B 150 -24.02 5.61 2.36
CA GLY B 150 -23.33 4.75 3.34
C GLY B 150 -21.85 4.44 3.16
N GLY B 151 -21.22 4.96 2.11
CA GLY B 151 -19.81 4.65 1.82
C GLY B 151 -19.62 3.24 1.28
N SER B 152 -18.37 2.80 1.19
CA SER B 152 -18.00 1.55 0.52
C SER B 152 -17.86 0.44 1.56
N LEU B 153 -17.96 -0.81 1.08
CA LEU B 153 -17.76 -1.99 1.92
C LEU B 153 -16.31 -2.07 2.38
N GLY B 154 -15.38 -1.58 1.56
CA GLY B 154 -13.99 -1.42 1.97
C GLY B 154 -13.87 -0.50 3.17
N GLN B 155 -14.54 0.65 3.09
CA GLN B 155 -14.57 1.61 4.20
C GLN B 155 -15.13 1.01 5.49
N LEU B 156 -16.21 0.24 5.38
CA LEU B 156 -16.79 -0.44 6.55
C LEU B 156 -15.83 -1.47 7.19
N ILE B 157 -15.07 -2.20 6.37
CA ILE B 157 -14.10 -3.16 6.90
C ILE B 157 -13.03 -2.45 7.74
N LYS B 158 -12.43 -1.37 7.22
CA LYS B 158 -11.44 -0.58 8.00
C LYS B 158 -12.06 -0.02 9.27
N GLN B 159 -13.21 0.63 9.13
CA GLN B 159 -13.95 1.19 10.28
C GLN B 159 -14.23 0.14 11.37
N MET B 160 -14.65 -1.06 10.96
CA MET B 160 -15.01 -2.13 11.89
C MET B 160 -13.92 -3.15 12.21
N GLY B 161 -12.76 -3.04 11.57
CA GLY B 161 -11.72 -4.05 11.67
C GLY B 161 -12.00 -5.26 10.78
N CYS B 162 -13.03 -6.02 11.15
CA CYS B 162 -13.58 -7.05 10.30
C CYS B 162 -15.05 -7.28 10.64
N LEU B 163 -15.78 -7.88 9.71
CA LEU B 163 -17.24 -8.05 9.85
C LEU B 163 -17.59 -9.36 10.49
N PRO B 164 -18.69 -9.39 11.27
CA PRO B 164 -19.18 -10.67 11.78
C PRO B 164 -19.76 -11.54 10.64
N GLU B 165 -19.82 -12.84 10.89
CA GLU B 165 -20.17 -13.82 9.85
C GLU B 165 -21.50 -13.58 9.11
N ASP B 166 -22.58 -13.30 9.85
CA ASP B 166 -23.89 -13.08 9.23
C ASP B 166 -23.88 -11.86 8.30
N ARG B 167 -23.19 -10.81 8.73
CA ARG B 167 -23.03 -9.58 7.94
C ARG B 167 -22.22 -9.82 6.67
N ALA B 168 -21.18 -10.66 6.77
CA ALA B 168 -20.32 -10.99 5.63
C ALA B 168 -21.10 -11.74 4.56
N LEU B 169 -21.83 -12.78 4.99
CA LEU B 169 -22.67 -13.59 4.10
C LEU B 169 -23.76 -12.78 3.42
N TYR B 170 -24.40 -11.91 4.19
CA TYR B 170 -25.43 -11.01 3.69
C TYR B 170 -24.91 -10.18 2.52
N TYR B 171 -23.74 -9.57 2.69
CA TYR B 171 -23.16 -8.74 1.63
C TYR B 171 -22.66 -9.53 0.43
N LEU B 172 -21.98 -10.64 0.68
CA LEU B 172 -21.57 -11.56 -0.38
C LEU B 172 -22.79 -11.99 -1.20
N GLY B 173 -23.91 -12.29 -0.51
CA GLY B 173 -25.17 -12.59 -1.15
C GLY B 173 -25.68 -11.50 -2.09
N GLN B 174 -25.62 -10.25 -1.62
CA GLN B 174 -26.05 -9.11 -2.44
C GLN B 174 -25.08 -8.86 -3.59
N ALA B 175 -23.78 -9.05 -3.37
CA ALA B 175 -22.78 -8.99 -4.44
C ALA B 175 -23.06 -10.05 -5.53
N LEU B 176 -23.24 -11.28 -5.10
CA LEU B 176 -23.58 -12.37 -6.01
C LEU B 176 -24.86 -12.11 -6.83
N GLU B 177 -25.85 -11.45 -6.22
CA GLU B 177 -27.06 -11.06 -6.95
C GLU B 177 -26.72 -10.11 -8.10
N GLY B 178 -25.89 -9.11 -7.84
CA GLY B 178 -25.41 -8.21 -8.88
C GLY B 178 -24.58 -8.91 -9.96
N LEU B 179 -23.68 -9.80 -9.54
CA LEU B 179 -22.97 -10.65 -10.48
C LEU B 179 -23.88 -11.55 -11.32
N GLU B 180 -24.99 -12.00 -10.74
CA GLU B 180 -25.95 -12.79 -11.50
C GLU B 180 -26.56 -11.94 -12.61
N TYR B 181 -26.91 -10.70 -12.27
CA TYR B 181 -27.46 -9.75 -13.23
C TYR B 181 -26.49 -9.48 -14.38
N LEU B 182 -25.21 -9.34 -14.07
CA LEU B 182 -24.18 -9.13 -15.08
C LEU B 182 -23.82 -10.37 -15.89
N HIS B 183 -23.65 -11.52 -15.23
CA HIS B 183 -23.26 -12.75 -15.97
C HIS B 183 -24.35 -13.22 -16.95
N THR B 184 -25.63 -13.01 -16.60
CA THR B 184 -26.76 -13.27 -17.51
C THR B 184 -26.69 -12.46 -18.82
N ARG B 185 -26.13 -11.26 -18.73
CA ARG B 185 -25.97 -10.38 -19.88
C ARG B 185 -24.59 -10.50 -20.56
N ARG B 186 -23.83 -11.55 -20.22
CA ARG B 186 -22.48 -11.78 -20.73
C ARG B 186 -21.52 -10.65 -20.38
N ILE B 187 -21.67 -10.09 -19.19
CA ILE B 187 -20.81 -9.03 -18.69
C ILE B 187 -20.10 -9.53 -17.44
N LEU B 188 -18.80 -9.31 -17.44
CA LEU B 188 -17.89 -9.77 -16.41
C LEU B 188 -17.47 -8.48 -15.75
N HIS B 189 -17.53 -8.43 -14.41
CA HIS B 189 -17.14 -7.23 -13.66
C HIS B 189 -15.64 -6.97 -13.75
N GLY B 190 -14.83 -7.99 -13.48
CA GLY B 190 -13.35 -7.95 -13.68
C GLY B 190 -12.48 -7.53 -12.48
N ASP B 191 -13.11 -7.09 -11.40
CA ASP B 191 -12.43 -6.50 -10.25
C ASP B 191 -13.39 -6.36 -9.06
N VAL B 192 -14.04 -7.47 -8.73
CA VAL B 192 -14.95 -7.52 -7.61
C VAL B 192 -14.12 -7.49 -6.31
N LYS B 193 -14.40 -6.50 -5.46
CA LYS B 193 -13.75 -6.36 -4.16
C LYS B 193 -14.55 -5.39 -3.29
N ALA B 194 -14.23 -5.34 -2.01
CA ALA B 194 -14.99 -4.51 -1.07
C ALA B 194 -15.01 -3.01 -1.46
N ASP B 195 -13.88 -2.46 -1.92
CA ASP B 195 -13.84 -1.03 -2.34
C ASP B 195 -14.79 -0.68 -3.50
N ASN B 196 -15.18 -1.71 -4.26
CA ASN B 196 -16.12 -1.61 -5.35
C ASN B 196 -17.53 -2.09 -5.00
N VAL B 197 -17.88 -2.08 -3.72
CA VAL B 197 -19.25 -2.32 -3.30
C VAL B 197 -19.72 -1.15 -2.43
N LEU B 198 -20.74 -0.43 -2.90
CA LEU B 198 -21.30 0.72 -2.22
C LEU B 198 -22.47 0.29 -1.30
N LEU B 199 -22.53 0.84 -0.10
CA LEU B 199 -23.58 0.55 0.87
C LEU B 199 -24.52 1.73 1.02
N SER B 200 -25.81 1.44 1.12
CA SER B 200 -26.81 2.46 1.36
C SER B 200 -26.65 3.07 2.75
N SER B 201 -27.39 4.17 2.97
CA SER B 201 -27.35 4.94 4.21
C SER B 201 -27.53 4.13 5.50
N ASP B 202 -28.43 3.15 5.52
CA ASP B 202 -28.53 2.23 6.68
C ASP B 202 -27.66 0.97 6.56
N GLY B 203 -27.03 0.80 5.39
CA GLY B 203 -26.14 -0.33 5.13
C GLY B 203 -26.86 -1.64 4.85
N SER B 204 -28.13 -1.57 4.46
CA SER B 204 -28.97 -2.76 4.22
C SER B 204 -29.05 -3.13 2.74
N ARG B 205 -28.71 -2.19 1.86
CA ARG B 205 -28.70 -2.42 0.43
C ARG B 205 -27.25 -2.23 -0.03
N ALA B 206 -26.75 -3.18 -0.83
CA ALA B 206 -25.40 -3.15 -1.38
C ALA B 206 -25.48 -3.07 -2.89
N ALA B 207 -24.55 -2.33 -3.50
CA ALA B 207 -24.51 -2.16 -4.96
C ALA B 207 -23.08 -2.22 -5.49
N LEU B 208 -22.89 -2.94 -6.60
CA LEU B 208 -21.60 -2.96 -7.28
C LEU B 208 -21.32 -1.65 -8.03
N CYS B 209 -20.05 -1.28 -8.03
CA CYS B 209 -19.54 -0.17 -8.82
C CYS B 209 -18.15 -0.49 -9.42
N ASP B 210 -17.59 0.53 -10.09
CA ASP B 210 -16.24 0.51 -10.66
C ASP B 210 -16.10 -0.62 -11.69
N PHE B 211 -16.78 -0.43 -12.82
CA PHE B 211 -16.81 -1.42 -13.92
C PHE B 211 -15.74 -1.17 -15.00
N GLY B 212 -14.71 -0.40 -14.67
CA GLY B 212 -13.62 -0.06 -15.58
C GLY B 212 -12.86 -1.25 -16.14
N HIS B 213 -12.93 -2.38 -15.44
CA HIS B 213 -12.28 -3.62 -15.89
C HIS B 213 -13.23 -4.60 -16.55
N ALA B 214 -14.46 -4.18 -16.80
CA ALA B 214 -15.50 -5.07 -17.30
C ALA B 214 -15.19 -5.51 -18.71
N LEU B 215 -15.63 -6.71 -19.06
CA LEU B 215 -15.65 -7.11 -20.45
C LEU B 215 -16.86 -7.92 -20.86
N CYS B 216 -17.12 -7.89 -22.16
CA CYS B 216 -18.22 -8.60 -22.78
C CYS B 216 -17.70 -9.96 -23.18
N LEU B 217 -18.43 -11.00 -22.78
CA LEU B 217 -18.02 -12.37 -23.06
C LEU B 217 -18.40 -12.80 -24.47
N GLN B 218 -17.65 -13.80 -24.99
CA GLN B 218 -17.79 -14.35 -26.36
C GLN B 218 -19.21 -14.96 -26.51
N PRO B 219 -19.92 -14.70 -27.65
CA PRO B 219 -21.32 -15.10 -27.87
C PRO B 219 -22.03 -16.01 -26.83
N ASP B 220 -21.55 -17.24 -26.65
CA ASP B 220 -22.16 -18.22 -25.73
C ASP B 220 -21.55 -18.23 -24.30
N GLY B 221 -21.18 -17.04 -23.80
CA GLY B 221 -20.48 -16.87 -22.50
C GLY B 221 -19.05 -17.43 -22.41
N LEU B 222 -18.46 -17.80 -23.55
CA LEU B 222 -17.19 -18.57 -23.63
C LEU B 222 -15.95 -17.71 -23.25
N GLY B 223 -14.80 -18.37 -23.07
CA GLY B 223 -13.60 -17.77 -22.49
C GLY B 223 -12.38 -17.55 -23.37
N LYS B 224 -11.91 -16.29 -23.39
CA LYS B 224 -10.64 -15.89 -23.97
C LYS B 224 -9.66 -15.51 -22.83
N SER B 225 -8.35 -15.62 -23.12
CA SER B 225 -7.29 -15.04 -22.30
C SER B 225 -7.48 -13.53 -22.10
N LEU B 226 -7.32 -13.06 -20.87
CA LEU B 226 -7.41 -11.64 -20.53
C LEU B 226 -6.12 -10.91 -20.92
N LEU B 227 -5.00 -11.56 -20.63
CA LEU B 227 -3.66 -10.96 -20.79
C LEU B 227 -3.24 -10.88 -22.26
N THR B 228 -3.72 -9.84 -22.94
CA THR B 228 -3.49 -9.67 -24.37
C THR B 228 -3.66 -8.20 -24.75
N GLY B 229 -2.63 -7.64 -25.37
CA GLY B 229 -2.65 -6.25 -25.82
C GLY B 229 -2.78 -5.27 -24.66
N ASP B 230 -3.69 -4.31 -24.80
CA ASP B 230 -3.80 -3.17 -23.88
C ASP B 230 -4.36 -3.46 -22.47
N TYR B 231 -4.97 -4.64 -22.27
CA TYR B 231 -5.84 -4.90 -21.11
C TYR B 231 -5.28 -4.45 -19.76
N ILE B 232 -6.13 -3.80 -18.97
CA ILE B 232 -5.79 -3.37 -17.60
C ILE B 232 -6.47 -4.32 -16.60
N PRO B 233 -5.68 -5.14 -15.88
CA PRO B 233 -6.23 -6.17 -15.00
C PRO B 233 -6.71 -5.62 -13.65
N GLY B 234 -7.32 -6.50 -12.85
CA GLY B 234 -7.89 -6.13 -11.56
C GLY B 234 -6.91 -6.31 -10.41
N THR B 235 -7.45 -6.44 -9.21
CA THR B 235 -6.67 -6.42 -7.98
C THR B 235 -5.93 -7.74 -7.79
N GLU B 236 -4.60 -7.68 -7.73
CA GLU B 236 -3.75 -8.89 -7.67
C GLU B 236 -4.18 -9.90 -6.58
N THR B 237 -4.48 -9.43 -5.38
CA THR B 237 -4.86 -10.35 -4.28
C THR B 237 -6.16 -11.12 -4.55
N HIS B 238 -7.03 -10.56 -5.39
CA HIS B 238 -8.32 -11.12 -5.73
C HIS B 238 -8.34 -11.91 -7.06
N MET B 239 -7.20 -11.94 -7.76
CA MET B 239 -7.10 -12.61 -9.05
C MET B 239 -7.24 -14.12 -8.97
N ALA B 240 -8.11 -14.66 -9.80
CA ALA B 240 -8.26 -16.10 -9.97
C ALA B 240 -7.01 -16.68 -10.64
N PRO B 241 -6.73 -17.98 -10.43
CA PRO B 241 -5.57 -18.63 -11.01
C PRO B 241 -5.49 -18.57 -12.54
N GLU B 242 -6.59 -18.81 -13.22
CA GLU B 242 -6.62 -18.73 -14.69
C GLU B 242 -6.24 -17.35 -15.23
N VAL B 243 -6.45 -16.30 -14.42
CA VAL B 243 -6.07 -14.94 -14.80
C VAL B 243 -4.55 -14.79 -14.74
N VAL B 244 -3.94 -15.24 -13.65
CA VAL B 244 -2.51 -15.08 -13.44
C VAL B 244 -1.65 -15.97 -14.36
N MET B 245 -2.23 -17.08 -14.83
CA MET B 245 -1.56 -17.99 -15.78
C MET B 245 -1.86 -17.67 -17.25
N GLY B 246 -2.73 -16.69 -17.52
CA GLY B 246 -3.07 -16.30 -18.88
C GLY B 246 -3.97 -17.28 -19.62
N LYS B 247 -4.73 -18.08 -18.86
CA LYS B 247 -5.64 -19.09 -19.40
C LYS B 247 -6.98 -18.47 -19.75
N PRO B 248 -7.84 -19.23 -20.49
CA PRO B 248 -9.21 -18.79 -20.78
C PRO B 248 -10.00 -18.38 -19.52
N CYS B 249 -10.65 -17.22 -19.58
CA CYS B 249 -11.36 -16.63 -18.47
C CYS B 249 -12.84 -16.37 -18.82
N ASP B 250 -13.73 -16.77 -17.92
CA ASP B 250 -15.17 -16.57 -18.11
C ASP B 250 -15.74 -15.92 -16.82
N ALA B 251 -17.06 -16.00 -16.62
CA ALA B 251 -17.71 -15.38 -15.46
C ALA B 251 -17.18 -15.86 -14.12
N LYS B 252 -16.53 -17.03 -14.09
CA LYS B 252 -16.06 -17.60 -12.84
C LYS B 252 -14.98 -16.75 -12.17
N VAL B 253 -14.14 -16.05 -12.93
CA VAL B 253 -13.13 -15.15 -12.30
C VAL B 253 -13.75 -14.20 -11.26
N ASP B 254 -14.94 -13.68 -11.56
CA ASP B 254 -15.71 -12.84 -10.64
C ASP B 254 -16.09 -13.57 -9.36
N ILE B 255 -16.35 -14.87 -9.45
CA ILE B 255 -16.77 -15.66 -8.29
C ILE B 255 -15.62 -15.85 -7.33
N TRP B 256 -14.47 -16.23 -7.87
CA TRP B 256 -13.24 -16.34 -7.10
C TRP B 256 -12.89 -15.04 -6.38
N SER B 257 -12.94 -13.93 -7.12
CA SER B 257 -12.78 -12.60 -6.56
C SER B 257 -13.75 -12.32 -5.40
N SER B 258 -15.00 -12.71 -5.56
CA SER B 258 -16.03 -12.44 -4.54
C SER B 258 -15.79 -13.24 -3.27
N CYS B 259 -15.19 -14.43 -3.40
CA CYS B 259 -14.81 -15.19 -2.22
C CYS B 259 -13.53 -14.68 -1.58
N CYS B 260 -12.61 -14.13 -2.36
CA CYS B 260 -11.49 -13.36 -1.78
C CYS B 260 -11.99 -12.18 -0.95
N MET B 261 -13.01 -11.52 -1.46
CA MET B 261 -13.68 -10.42 -0.75
C MET B 261 -14.35 -10.95 0.53
N MET B 262 -14.93 -12.15 0.47
CA MET B 262 -15.50 -12.78 1.67
C MET B 262 -14.43 -12.96 2.75
N LEU B 263 -13.28 -13.49 2.35
CA LEU B 263 -12.12 -13.64 3.24
C LEU B 263 -11.68 -12.31 3.86
N HIS B 264 -11.73 -11.25 3.05
CA HIS B 264 -11.38 -9.90 3.48
C HIS B 264 -12.36 -9.37 4.53
N MET B 265 -13.65 -9.59 4.32
CA MET B 265 -14.66 -9.22 5.33
C MET B 265 -14.43 -9.96 6.65
N LEU B 266 -14.13 -11.25 6.57
CA LEU B 266 -14.02 -12.09 7.76
C LEU B 266 -12.76 -11.87 8.59
N ASN B 267 -11.62 -11.61 7.93
CA ASN B 267 -10.31 -11.44 8.59
C ASN B 267 -9.76 -10.00 8.65
N GLY B 268 -10.36 -9.07 7.90
CA GLY B 268 -9.92 -7.68 7.89
C GLY B 268 -8.61 -7.43 7.18
N CYS B 269 -8.25 -8.32 6.26
CA CYS B 269 -7.05 -8.20 5.44
C CYS B 269 -7.28 -9.08 4.21
N HIS B 270 -6.52 -8.82 3.16
CA HIS B 270 -6.70 -9.57 1.91
C HIS B 270 -6.13 -10.97 2.05
N PRO B 271 -6.58 -11.91 1.19
CA PRO B 271 -5.87 -13.19 1.11
C PRO B 271 -4.45 -13.04 0.59
N TRP B 272 -3.57 -13.95 0.99
CA TRP B 272 -2.15 -14.03 0.53
C TRP B 272 -1.14 -13.05 1.17
N THR B 273 -1.60 -11.91 1.68
CA THR B 273 -0.69 -10.86 2.14
C THR B 273 -0.03 -11.16 3.47
N GLN B 274 -0.73 -11.90 4.34
CA GLN B 274 -0.18 -12.28 5.64
C GLN B 274 0.82 -13.44 5.62
N TYR B 275 0.94 -14.15 4.50
CA TYR B 275 1.87 -15.28 4.36
C TYR B 275 3.03 -14.99 3.41
N PHE B 276 2.72 -14.43 2.25
CA PHE B 276 3.65 -14.37 1.14
C PHE B 276 4.08 -12.92 0.85
N ARG B 277 5.38 -12.72 0.72
CA ARG B 277 5.99 -11.38 0.62
C ARG B 277 6.17 -10.96 -0.84
N GLY B 278 6.95 -11.76 -1.59
CA GLY B 278 7.25 -11.52 -3.01
C GLY B 278 6.03 -11.44 -3.92
N PRO B 279 6.25 -11.40 -5.25
CA PRO B 279 5.14 -11.25 -6.20
C PRO B 279 3.99 -12.23 -5.93
N LEU B 280 2.84 -11.71 -5.50
CA LEU B 280 1.69 -12.54 -5.06
C LEU B 280 1.07 -13.39 -6.18
N CYS B 281 1.16 -12.90 -7.43
CA CYS B 281 0.62 -13.64 -8.57
C CYS B 281 1.32 -14.99 -8.82
N LEU B 282 2.57 -15.12 -8.40
CA LEU B 282 3.29 -16.40 -8.50
C LEU B 282 2.69 -17.45 -7.56
N LYS B 283 2.29 -17.02 -6.36
CA LYS B 283 1.72 -17.94 -5.35
C LYS B 283 0.31 -18.43 -5.70
N ILE B 284 -0.54 -17.53 -6.16
CA ILE B 284 -1.89 -17.88 -6.66
C ILE B 284 -1.82 -19.03 -7.66
N ALA B 285 -0.87 -18.96 -8.59
CA ALA B 285 -0.63 -20.02 -9.59
C ALA B 285 -0.24 -21.37 -8.97
N SER B 286 0.87 -21.39 -8.24
CA SER B 286 1.43 -22.65 -7.72
C SER B 286 0.63 -23.23 -6.54
N GLU B 287 0.33 -22.36 -5.56
CA GLU B 287 -0.15 -22.81 -4.25
C GLU B 287 -1.60 -23.25 -4.30
N PRO B 288 -2.04 -24.05 -3.30
CA PRO B 288 -3.47 -24.39 -3.22
C PRO B 288 -4.32 -23.15 -2.95
N PRO B 289 -5.61 -23.19 -3.29
CA PRO B 289 -6.42 -22.01 -3.08
C PRO B 289 -6.53 -21.70 -1.59
N PRO B 290 -6.80 -20.44 -1.23
CA PRO B 290 -6.61 -19.98 0.14
C PRO B 290 -7.74 -20.34 1.13
N ILE B 291 -8.15 -21.59 1.11
CA ILE B 291 -9.23 -22.06 1.99
C ILE B 291 -8.77 -22.14 3.45
N ARG B 292 -7.45 -22.24 3.69
CA ARG B 292 -6.91 -22.15 5.06
C ARG B 292 -7.21 -20.83 5.77
N GLU B 293 -7.49 -19.76 5.01
CA GLU B 293 -7.81 -18.45 5.58
C GLU B 293 -9.24 -18.31 6.09
N ILE B 294 -10.07 -19.33 5.87
CA ILE B 294 -11.41 -19.38 6.43
C ILE B 294 -11.24 -19.55 7.94
N PRO B 295 -11.84 -18.64 8.75
CA PRO B 295 -11.78 -18.87 10.19
C PRO B 295 -12.46 -20.19 10.58
N PRO B 296 -11.86 -20.95 11.53
CA PRO B 296 -12.51 -22.18 11.96
C PRO B 296 -13.77 -21.93 12.80
N SER B 297 -13.91 -20.72 13.34
CA SER B 297 -15.16 -20.27 13.99
C SER B 297 -16.38 -20.16 13.06
N CYS B 298 -16.15 -20.05 11.75
CA CYS B 298 -17.25 -20.05 10.77
C CYS B 298 -17.96 -21.39 10.73
N ALA B 299 -19.20 -21.36 10.25
CA ALA B 299 -20.04 -22.55 10.22
C ALA B 299 -19.67 -23.42 9.01
N PRO B 300 -19.97 -24.74 9.08
CA PRO B 300 -19.71 -25.65 7.97
C PRO B 300 -20.17 -25.13 6.62
N LEU B 301 -21.43 -24.66 6.54
CA LEU B 301 -22.01 -24.16 5.28
C LEU B 301 -21.38 -22.85 4.78
N THR B 302 -20.84 -22.06 5.69
CA THR B 302 -20.08 -20.86 5.29
C THR B 302 -18.75 -21.28 4.63
N ALA B 303 -18.03 -22.17 5.29
CA ALA B 303 -16.76 -22.69 4.77
C ALA B 303 -16.94 -23.43 3.45
N GLN B 304 -18.04 -24.17 3.31
CA GLN B 304 -18.33 -24.93 2.08
C GLN B 304 -18.58 -24.00 0.92
N ALA B 305 -19.36 -22.96 1.16
CA ALA B 305 -19.64 -21.93 0.16
C ALA B 305 -18.35 -21.28 -0.30
N ILE B 306 -17.52 -20.88 0.67
CA ILE B 306 -16.24 -20.23 0.34
C ILE B 306 -15.37 -21.20 -0.47
N GLN B 307 -15.37 -22.46 -0.07
CA GLN B 307 -14.55 -23.46 -0.74
C GLN B 307 -14.94 -23.64 -2.21
N GLU B 308 -16.25 -23.72 -2.47
CA GLU B 308 -16.75 -23.95 -3.82
C GLU B 308 -16.64 -22.73 -4.74
N GLY B 309 -16.61 -21.53 -4.17
CA GLY B 309 -16.21 -20.32 -4.90
C GLY B 309 -14.70 -20.17 -5.13
N LEU B 310 -13.87 -20.93 -4.40
CA LEU B 310 -12.42 -20.86 -4.54
C LEU B 310 -11.80 -22.13 -5.12
N ARG B 311 -12.53 -22.82 -5.99
CA ARG B 311 -11.97 -23.94 -6.74
C ARG B 311 -11.03 -23.41 -7.81
N LYS B 312 -9.93 -24.11 -8.03
CA LYS B 312 -8.91 -23.72 -9.00
C LYS B 312 -9.38 -23.85 -10.44
N GLU B 313 -10.02 -24.97 -10.77
CA GLU B 313 -10.52 -25.21 -12.12
C GLU B 313 -11.88 -24.53 -12.25
N PRO B 314 -12.04 -23.64 -13.25
CA PRO B 314 -13.30 -22.88 -13.37
C PRO B 314 -14.57 -23.72 -13.52
N VAL B 315 -14.49 -24.85 -14.25
CA VAL B 315 -15.60 -25.82 -14.37
C VAL B 315 -16.14 -26.29 -13.02
N HIS B 316 -15.24 -26.49 -12.05
CA HIS B 316 -15.64 -26.93 -10.71
C HIS B 316 -16.17 -25.82 -9.83
N ARG B 317 -15.69 -24.60 -10.05
CA ARG B 317 -16.06 -23.43 -9.23
C ARG B 317 -17.51 -23.08 -9.50
N ALA B 318 -18.22 -22.70 -8.45
CA ALA B 318 -19.63 -22.32 -8.55
C ALA B 318 -19.83 -21.12 -9.45
N SER B 319 -20.99 -21.07 -10.09
CA SER B 319 -21.43 -19.87 -10.79
C SER B 319 -22.02 -18.87 -9.77
N ALA B 320 -22.43 -17.69 -10.24
CA ALA B 320 -23.06 -16.71 -9.36
C ALA B 320 -24.32 -17.26 -8.71
N MET B 321 -25.22 -17.82 -9.52
CA MET B 321 -26.50 -18.36 -9.06
C MET B 321 -26.33 -19.53 -8.09
N GLU B 322 -25.38 -20.41 -8.38
CA GLU B 322 -25.07 -21.56 -7.54
C GLU B 322 -24.58 -21.15 -6.15
N LEU B 323 -23.58 -20.27 -6.11
CA LEU B 323 -23.01 -19.78 -4.85
C LEU B 323 -23.99 -18.92 -4.04
N ARG B 324 -24.83 -18.16 -4.74
CA ARG B 324 -25.83 -17.32 -4.10
C ARG B 324 -26.85 -18.16 -3.32
N ARG B 325 -27.26 -19.30 -3.92
CA ARG B 325 -28.15 -20.26 -3.29
C ARG B 325 -27.55 -20.83 -1.99
N LYS B 326 -26.29 -21.26 -2.06
CA LYS B 326 -25.55 -21.74 -0.88
C LYS B 326 -25.33 -20.66 0.20
N VAL B 327 -25.02 -19.44 -0.23
CA VAL B 327 -24.79 -18.33 0.69
C VAL B 327 -26.08 -17.96 1.44
N GLY B 328 -27.22 -18.00 0.76
CA GLY B 328 -28.52 -17.76 1.41
C GLY B 328 -28.83 -18.78 2.51
N LYS B 329 -28.52 -20.05 2.22
CA LYS B 329 -28.66 -21.14 3.17
C LYS B 329 -27.67 -21.02 4.35
N ALA B 330 -26.43 -20.70 4.05
CA ALA B 330 -25.42 -20.40 5.10
C ALA B 330 -25.89 -19.34 6.10
N LEU B 331 -26.38 -18.22 5.59
CA LEU B 331 -26.91 -17.11 6.40
C LEU B 331 -28.10 -17.56 7.25
N GLN B 332 -28.97 -18.36 6.66
CA GLN B 332 -30.12 -18.95 7.35
C GLN B 332 -29.68 -19.88 8.50
N GLU B 333 -28.62 -20.65 8.26
CA GLU B 333 -28.08 -21.59 9.24
C GLU B 333 -27.47 -20.92 10.47
N VAL B 334 -26.87 -19.74 10.29
CA VAL B 334 -26.36 -18.94 11.42
C VAL B 334 -27.39 -17.99 12.04
N GLY B 335 -28.65 -18.05 11.60
CA GLY B 335 -29.76 -17.33 12.24
C GLY B 335 -30.26 -16.09 11.51
N GLY B 336 -29.78 -15.88 10.28
CA GLY B 336 -30.15 -14.71 9.49
C GLY B 336 -29.34 -13.50 9.90
N LEU B 337 -29.63 -12.36 9.26
CA LEU B 337 -28.94 -11.11 9.59
C LEU B 337 -29.41 -10.55 10.95
N LYS B 338 -28.52 -10.61 11.93
CA LYS B 338 -28.78 -10.13 13.31
C LYS B 338 -27.91 -8.96 13.73
N SER B 339 -26.63 -8.97 13.34
CA SER B 339 -25.67 -7.98 13.83
C SER B 339 -26.05 -6.56 13.40
N PRO B 340 -25.78 -5.55 14.26
CA PRO B 340 -26.06 -4.17 13.88
C PRO B 340 -25.24 -3.71 12.67
N TRP B 341 -25.72 -2.70 11.94
CA TRP B 341 -25.01 -2.21 10.74
C TRP B 341 -23.54 -1.95 11.05
N LYS B 342 -23.28 -1.20 12.13
CA LYS B 342 -21.92 -0.99 12.57
C LYS B 342 -21.61 -1.76 13.85
N GLY B 343 -22.13 -1.33 14.99
CA GLY B 343 -21.84 -2.06 16.23
C GLY B 343 -20.36 -2.03 16.57
N GLU B 344 -19.88 -3.04 17.29
CA GLU B 344 -18.57 -2.94 17.97
C GLU B 344 -17.41 -3.49 17.12
N TYR B 345 -16.22 -2.96 17.40
CA TYR B 345 -14.99 -3.25 16.63
C TYR B 345 -14.53 -4.69 16.88
N LYS B 346 -14.06 -5.36 15.82
CA LYS B 346 -13.43 -6.67 15.92
C LYS B 346 -12.01 -6.59 15.37
N GLU B 347 -11.02 -6.95 16.19
CA GLU B 347 -9.61 -7.00 15.78
C GLU B 347 -9.43 -7.86 14.52
N PRO B 348 -8.66 -7.37 13.52
CA PRO B 348 -8.29 -8.25 12.41
C PRO B 348 -7.30 -9.35 12.84
N ARG B 349 -7.14 -10.35 12.00
CA ARG B 349 -6.30 -11.52 12.31
C ARG B 349 -4.82 -11.14 12.43
S SO4 C . 38.85 -11.96 15.43
O1 SO4 C . 38.40 -10.60 15.82
O2 SO4 C . 39.21 -12.70 16.66
O3 SO4 C . 37.78 -12.70 14.70
O4 SO4 C . 40.04 -11.84 14.55
S SO4 D . 18.59 14.71 12.21
O1 SO4 D . 19.51 15.82 12.56
O2 SO4 D . 17.26 14.94 12.84
O3 SO4 D . 18.47 14.67 10.74
O4 SO4 D . 19.11 13.39 12.68
S SO4 E . 13.91 -15.29 21.97
O1 SO4 E . 13.22 -14.31 21.09
O2 SO4 E . 12.94 -15.83 22.96
O3 SO4 E . 14.44 -16.40 21.14
O4 SO4 E . 15.03 -14.63 22.68
S SO4 F . 28.60 11.24 9.91
O1 SO4 F . 28.52 12.60 10.48
O2 SO4 F . 27.90 10.31 10.83
O3 SO4 F . 27.97 11.18 8.58
O4 SO4 F . 30.04 10.86 9.81
C4 76Z G . 14.40 7.78 6.03
C14 76Z G . 14.60 10.33 8.60
C5 76Z G . 14.88 8.74 6.77
C6 76Z G . 16.18 9.18 6.60
C11 76Z G . 12.70 11.89 11.17
C7 76Z G . 16.71 10.18 7.42
C8 76Z G . 15.92 10.76 8.42
C9 76Z G . 16.31 11.84 10.56
C10 76Z G . 15.02 12.61 10.79
C12 76Z G . 11.83 10.98 10.63
C13 76Z G . 13.72 10.83 9.56
N1 76Z G . 12.47 10.35 9.66
N2 76Z G . 9.84 9.68 10.30
C3 76Z G . 13.94 6.89 5.40
O2 76Z G . 9.87 11.30 11.86
C16 76Z G . 10.42 10.67 10.98
N 76Z G . 13.85 11.79 10.50
O1 76Z G . 16.51 11.75 9.16
C15 76Z G . 14.10 9.30 7.77
C1 76Z G . 13.43 5.74 4.63
O 76Z G . 14.50 4.98 4.08
C2 76Z G . 12.57 6.22 3.47
C 76Z G . 12.63 4.83 5.55
S SO4 H . -5.95 -2.68 -3.10
O1 SO4 H . -7.33 -3.20 -2.98
O2 SO4 H . -5.75 -1.69 -2.01
O3 SO4 H . -4.94 -3.77 -2.98
O4 SO4 H . -5.81 -2.06 -4.44
S SO4 I . -9.98 -28.11 -7.81
O1 SO4 I . -10.88 -29.25 -7.49
O2 SO4 I . -9.92 -27.20 -6.65
O3 SO4 I . -10.50 -27.41 -9.02
O4 SO4 I . -8.61 -28.61 -8.09
S SO4 J . -13.00 5.18 -1.00
O1 SO4 J . -14.49 5.18 -0.93
O2 SO4 J . -12.51 6.58 -1.05
O3 SO4 J . -12.53 4.46 -2.22
O4 SO4 J . -12.43 4.49 0.18
C4 76Z K . -17.56 4.03 -10.24
C14 76Z K . -17.29 4.99 -6.74
C5 76Z K . -17.04 4.23 -9.06
C6 76Z K . -15.71 3.87 -8.79
C11 76Z K . -19.15 6.42 -4.03
C7 76Z K . -15.17 4.07 -7.51
C8 76Z K . -15.95 4.63 -6.48
C9 76Z K . -16.02 4.50 -4.03
C10 76Z K . -16.81 5.74 -3.66
C12 76Z K . -20.06 6.40 -5.07
C13 76Z K . -18.17 5.56 -5.80
N1 76Z K . -19.44 5.89 -6.12
N2 76Z K . -22.13 6.77 -6.25
C3 76Z K . -18.08 3.80 -11.28
O2 76Z K . -21.99 7.37 -4.11
C16 76Z K . -21.47 6.87 -5.10
N 76Z K . -18.01 5.89 -4.49
O1 76Z K . -15.35 4.79 -5.26
C15 76Z K . -17.80 4.77 -8.03
C1 76Z K . -18.73 3.41 -12.55
O 76Z K . -17.98 2.38 -13.21
C2 76Z K . -18.83 4.61 -13.48
C 76Z K . -20.12 2.86 -12.25
#